data_2QVV
#
_entry.id   2QVV
#
_cell.length_a   59.038
_cell.length_b   165.709
_cell.length_c   79.167
_cell.angle_alpha   90.000
_cell.angle_beta   90.000
_cell.angle_gamma   90.000
#
_symmetry.space_group_name_H-M   'P 21 21 2'
#
loop_
_entity.id
_entity.type
_entity.pdbx_description
1 polymer 'Fructose-1,6-bisphosphatase 1'
2 non-polymer 2,6-di-O-phosphono-beta-D-fructofuranose
3 non-polymer 'ZINC ION'
4 non-polymer 'PHOSPHATE ION'
5 water water
#
_entity_poly.entity_id   1
_entity_poly.type   'polypeptide(L)'
_entity_poly.pdbx_seq_one_letter_code
;TDQAAFDTNIVTLTRFVMEEGRKARGTGEMTQLLNSLCTAVKAISTAVRKAGIAHLYGIAGSTNVTGDQVKKLDVLSNDL
VINVLKSSFATCVLVSEEDKNAIIVEPEKRGKYVVCFDPLDGSSNIDCLVSIGTIFGIYRKNSTDEPSEKDALQPGRNLV
AAGYALYGSATMLVLAMVNGVNCFMLDPAIGEFILVDRDVKIKKKGSIYSINEGYAKEFDPAITEYIQRKKFPPDNSAPY
GARYVGSMVADVHRTLVYGGIFMYPANKKSPKGKLRLLYECNPMAYVMEKAGGLATTGKEAVLDIVPTDIHQRAPIILGS
PEDVTELLEIYQKHAAK
;
_entity_poly.pdbx_strand_id   A,B
#
loop_
_chem_comp.id
_chem_comp.type
_chem_comp.name
_chem_comp.formula
FDP D-saccharide, beta linking 2,6-di-O-phosphono-beta-D-fructofuranose 'C6 H14 O12 P2'
PO4 non-polymer 'PHOSPHATE ION' 'O4 P -3'
ZN non-polymer 'ZINC ION' 'Zn 2'
#
# COMPACT_ATOMS: atom_id res chain seq x y z
N ASN A 9 -21.74 6.98 21.84
CA ASN A 9 -20.86 8.16 22.11
C ASN A 9 -19.62 8.13 21.24
N ILE A 10 -19.65 8.87 20.14
CA ILE A 10 -18.53 8.95 19.22
C ILE A 10 -17.41 9.75 19.87
N VAL A 11 -16.18 9.30 19.67
CA VAL A 11 -15.02 9.97 20.24
C VAL A 11 -14.03 10.36 19.16
N THR A 12 -13.69 11.65 19.12
CA THR A 12 -12.74 12.14 18.14
C THR A 12 -11.38 12.23 18.79
N LEU A 13 -10.33 12.39 17.98
CA LEU A 13 -8.98 12.50 18.49
C LEU A 13 -8.87 13.73 19.40
N THR A 14 -9.50 14.82 18.97
CA THR A 14 -9.48 16.06 19.73
C THR A 14 -10.02 15.84 21.14
N ARG A 15 -11.16 15.16 21.24
CA ARG A 15 -11.79 14.88 22.53
C ARG A 15 -10.98 13.88 23.35
N PHE A 16 -10.33 12.94 22.67
CA PHE A 16 -9.52 11.93 23.34
C PHE A 16 -8.27 12.57 23.94
N VAL A 17 -7.58 13.38 23.14
CA VAL A 17 -6.37 14.06 23.58
C VAL A 17 -6.70 15.03 24.72
N MET A 18 -7.83 15.73 24.59
CA MET A 18 -8.27 16.68 25.58
C MET A 18 -8.49 16.00 26.93
N GLU A 19 -9.25 14.90 26.93
CA GLU A 19 -9.54 14.17 28.15
C GLU A 19 -8.30 13.57 28.80
N GLU A 20 -7.43 12.99 27.99
CA GLU A 20 -6.20 12.40 28.52
C GLU A 20 -5.37 13.49 29.19
N GLY A 21 -5.45 14.70 28.66
CA GLY A 21 -4.70 15.80 29.23
C GLY A 21 -5.25 16.22 30.59
N ARG A 22 -6.57 16.22 30.72
CA ARG A 22 -7.20 16.61 31.97
C ARG A 22 -6.90 15.58 33.06
N LYS A 23 -7.11 14.30 32.75
CA LYS A 23 -6.86 13.24 33.71
C LYS A 23 -5.41 13.23 34.17
N ALA A 24 -4.53 13.81 33.37
CA ALA A 24 -3.10 13.84 33.70
C ALA A 24 -2.74 15.17 34.38
N ARG A 25 -3.73 16.05 34.51
CA ARG A 25 -3.51 17.35 35.13
C ARG A 25 -2.32 18.07 34.52
N GLY A 26 -2.22 18.03 33.20
CA GLY A 26 -1.12 18.68 32.51
C GLY A 26 -1.42 20.14 32.24
N THR A 27 -0.39 20.93 32.01
CA THR A 27 -0.56 22.36 31.73
C THR A 27 -1.36 22.55 30.45
N GLY A 28 -1.08 21.71 29.47
CA GLY A 28 -1.79 21.81 28.20
C GLY A 28 -0.89 21.72 26.97
N GLU A 29 0.42 21.82 27.17
CA GLU A 29 1.35 21.75 26.05
C GLU A 29 1.22 20.45 25.26
N MET A 30 1.12 19.32 25.97
CA MET A 30 1.00 18.03 25.31
C MET A 30 -0.24 18.03 24.43
N THR A 31 -1.35 18.52 24.98
CA THR A 31 -2.62 18.60 24.25
C THR A 31 -2.50 19.49 23.02
N GLN A 32 -1.78 20.59 23.15
CA GLN A 32 -1.61 21.51 22.03
C GLN A 32 -0.69 20.86 21.00
N LEU A 33 0.32 20.15 21.48
CA LEU A 33 1.26 19.46 20.61
C LEU A 33 0.55 18.38 19.79
N LEU A 34 -0.27 17.57 20.46
CA LEU A 34 -0.97 16.52 19.76
C LEU A 34 -2.02 17.09 18.81
N ASN A 35 -2.64 18.22 19.18
CA ASN A 35 -3.63 18.86 18.32
C ASN A 35 -2.94 19.30 17.04
N SER A 36 -1.74 19.86 17.19
CA SER A 36 -0.95 20.34 16.06
C SER A 36 -0.54 19.18 15.15
N LEU A 37 -0.16 18.06 15.76
CA LEU A 37 0.25 16.91 14.98
C LEU A 37 -0.93 16.45 14.15
N CYS A 38 -2.10 16.41 14.78
CA CYS A 38 -3.34 16.02 14.12
C CYS A 38 -3.57 16.89 12.88
N THR A 39 -3.45 18.20 13.04
CA THR A 39 -3.63 19.13 11.94
C THR A 39 -2.59 18.90 10.84
N ALA A 40 -1.35 18.65 11.22
CA ALA A 40 -0.29 18.41 10.26
C ALA A 40 -0.57 17.14 9.46
N VAL A 41 -1.01 16.10 10.15
CA VAL A 41 -1.31 14.83 9.51
C VAL A 41 -2.43 14.96 8.48
N LYS A 42 -3.44 15.75 8.79
CA LYS A 42 -4.55 15.95 7.86
C LYS A 42 -4.06 16.73 6.63
N ALA A 43 -3.18 17.71 6.85
CA ALA A 43 -2.66 18.50 5.74
C ALA A 43 -1.78 17.65 4.84
N ILE A 44 -1.00 16.73 5.43
CA ILE A 44 -0.14 15.85 4.64
C ILE A 44 -1.04 14.86 3.87
N SER A 45 -2.02 14.30 4.55
CA SER A 45 -2.91 13.34 3.91
C SER A 45 -3.56 13.93 2.66
N THR A 46 -4.12 15.13 2.77
CA THR A 46 -4.78 15.76 1.63
C THR A 46 -3.81 15.95 0.46
N ALA A 47 -2.57 16.33 0.77
CA ALA A 47 -1.55 16.52 -0.26
C ALA A 47 -1.18 15.18 -0.90
N VAL A 48 -1.04 14.16 -0.06
CA VAL A 48 -0.68 12.82 -0.54
C VAL A 48 -1.73 12.26 -1.48
N ARG A 49 -3.01 12.50 -1.18
CA ARG A 49 -4.10 12.02 -2.02
C ARG A 49 -4.19 12.84 -3.32
N LYS A 50 -3.29 13.80 -3.48
CA LYS A 50 -3.21 14.64 -4.68
C LYS A 50 -4.35 15.61 -4.93
N ALA A 51 -4.92 16.16 -3.86
CA ALA A 51 -5.99 17.14 -4.04
C ALA A 51 -5.37 18.38 -4.69
N GLY A 52 -6.01 18.90 -5.74
CA GLY A 52 -5.49 20.08 -6.39
C GLY A 52 -4.39 19.85 -7.42
N ILE A 53 -4.13 18.59 -7.78
CA ILE A 53 -3.09 18.30 -8.75
C ILE A 53 -3.45 18.87 -10.12
N ALA A 54 -4.74 19.07 -10.37
CA ALA A 54 -5.18 19.63 -11.65
C ALA A 54 -4.54 21.00 -11.88
N HIS A 55 -4.32 21.75 -10.80
CA HIS A 55 -3.72 23.06 -10.92
C HIS A 55 -2.27 22.97 -11.38
N LEU A 56 -1.58 21.91 -11.00
CA LEU A 56 -0.20 21.72 -11.41
C LEU A 56 -0.16 21.37 -12.88
N TYR A 57 -1.26 20.83 -13.40
CA TYR A 57 -1.31 20.47 -14.81
C TYR A 57 -2.01 21.51 -15.68
N GLY A 58 -1.98 22.76 -15.23
CA GLY A 58 -2.55 23.87 -15.97
C GLY A 58 -4.04 24.02 -16.20
N ILE A 59 -4.86 23.55 -15.27
CA ILE A 59 -6.30 23.68 -15.45
C ILE A 59 -6.72 25.15 -15.50
N ALA A 60 -6.01 26.01 -14.79
CA ALA A 60 -6.33 27.43 -14.78
C ALA A 60 -5.26 28.20 -15.54
N GLY A 61 -4.58 27.50 -16.45
CA GLY A 61 -3.52 28.11 -17.22
C GLY A 61 -2.29 28.27 -16.33
N SER A 62 -1.52 29.32 -16.57
CA SER A 62 -0.33 29.57 -15.78
C SER A 62 -0.20 31.08 -15.55
N THR A 63 -1.13 31.63 -14.79
CA THR A 63 -1.15 33.05 -14.48
C THR A 63 -0.64 33.33 -13.07
N ASN A 64 -0.83 32.36 -12.17
CA ASN A 64 -0.39 32.53 -10.79
C ASN A 64 1.09 32.16 -10.60
N VAL A 65 1.38 30.86 -10.65
CA VAL A 65 2.75 30.39 -10.48
C VAL A 65 3.70 31.05 -11.47
N THR A 66 4.53 31.95 -10.98
CA THR A 66 5.49 32.66 -11.82
C THR A 66 6.90 32.14 -11.61
N GLY A 67 7.02 31.06 -10.84
CA GLY A 67 8.31 30.46 -10.57
C GLY A 67 8.19 29.08 -9.95
N ASP A 68 9.33 28.48 -9.61
CA ASP A 68 9.35 27.15 -9.02
C ASP A 68 8.45 27.08 -7.78
N GLN A 69 7.64 26.02 -7.70
CA GLN A 69 6.73 25.85 -6.58
C GLN A 69 6.26 24.39 -6.52
N VAL A 70 6.80 23.57 -7.41
CA VAL A 70 6.44 22.16 -7.47
C VAL A 70 7.22 21.35 -6.44
N LYS A 71 6.87 21.54 -5.16
CA LYS A 71 7.53 20.82 -4.08
C LYS A 71 7.21 19.34 -4.11
N LYS A 72 8.21 18.51 -3.85
CA LYS A 72 8.01 17.07 -3.80
C LYS A 72 7.23 16.82 -2.52
N LEU A 73 6.44 15.75 -2.48
CA LEU A 73 5.64 15.43 -1.30
C LEU A 73 6.45 15.26 -0.02
N ASP A 74 7.61 14.63 -0.12
CA ASP A 74 8.41 14.42 1.08
C ASP A 74 8.92 15.74 1.65
N VAL A 75 9.25 16.69 0.77
CA VAL A 75 9.71 18.00 1.21
C VAL A 75 8.55 18.79 1.81
N LEU A 76 7.38 18.70 1.17
CA LEU A 76 6.19 19.40 1.64
C LEU A 76 5.73 18.88 3.00
N SER A 77 5.77 17.56 3.16
CA SER A 77 5.38 16.94 4.42
C SER A 77 6.30 17.43 5.54
N ASN A 78 7.59 17.56 5.22
CA ASN A 78 8.54 18.01 6.21
C ASN A 78 8.25 19.44 6.64
N ASP A 79 7.92 20.30 5.68
CA ASP A 79 7.61 21.70 5.98
C ASP A 79 6.35 21.80 6.85
N LEU A 80 5.35 20.99 6.55
CA LEU A 80 4.10 21.02 7.32
C LEU A 80 4.36 20.62 8.78
N VAL A 81 5.04 19.50 8.99
CA VAL A 81 5.32 19.05 10.36
C VAL A 81 6.11 20.08 11.14
N ILE A 82 7.22 20.54 10.58
CA ILE A 82 8.08 21.52 11.24
C ILE A 82 7.31 22.80 11.58
N ASN A 83 6.64 23.37 10.59
CA ASN A 83 5.88 24.59 10.80
C ASN A 83 4.72 24.43 11.78
N VAL A 84 3.90 23.41 11.58
CA VAL A 84 2.76 23.19 12.46
C VAL A 84 3.23 22.87 13.89
N LEU A 85 4.29 22.07 14.01
CA LEU A 85 4.82 21.73 15.34
C LEU A 85 5.32 22.97 16.06
N LYS A 86 6.01 23.84 15.33
CA LYS A 86 6.53 25.08 15.93
C LYS A 86 5.41 25.98 16.42
N SER A 87 4.36 26.12 15.63
CA SER A 87 3.22 26.96 16.00
C SER A 87 2.41 26.41 17.17
N SER A 88 2.84 25.27 17.72
CA SER A 88 2.13 24.69 18.84
C SER A 88 2.64 25.31 20.14
N PHE A 89 3.85 25.86 20.09
CA PHE A 89 4.48 26.47 21.25
C PHE A 89 4.68 25.43 22.34
N ALA A 90 4.88 24.18 21.94
CA ALA A 90 5.06 23.09 22.90
C ALA A 90 6.35 22.31 22.68
N THR A 91 7.17 22.73 21.73
CA THR A 91 8.41 22.02 21.44
C THR A 91 9.65 22.90 21.56
N CYS A 92 10.81 22.27 21.77
CA CYS A 92 12.07 23.00 21.87
C CYS A 92 13.12 22.43 20.91
N VAL A 93 13.04 21.14 20.63
CA VAL A 93 13.98 20.49 19.72
C VAL A 93 13.25 19.52 18.80
N LEU A 94 13.53 19.64 17.50
CA LEU A 94 12.89 18.78 16.51
C LEU A 94 13.94 18.03 15.68
N VAL A 95 13.75 16.72 15.54
CA VAL A 95 14.65 15.91 14.74
C VAL A 95 13.85 15.29 13.61
N SER A 96 14.24 15.60 12.38
CA SER A 96 13.56 15.09 11.21
C SER A 96 14.47 14.19 10.37
N GLU A 97 13.89 13.15 9.79
CA GLU A 97 14.63 12.23 8.94
C GLU A 97 15.18 12.96 7.72
N GLU A 98 14.59 14.12 7.41
CA GLU A 98 14.99 14.90 6.24
C GLU A 98 16.00 16.01 6.53
N ASP A 99 16.38 16.20 7.79
CA ASP A 99 17.32 17.26 8.13
C ASP A 99 18.57 16.74 8.84
N LYS A 100 19.74 17.12 8.33
CA LYS A 100 21.01 16.70 8.88
C LYS A 100 21.15 17.04 10.37
N ASN A 101 20.87 18.29 10.72
CA ASN A 101 20.97 18.73 12.11
C ASN A 101 19.62 18.87 12.78
N ALA A 102 19.63 18.77 14.11
CA ALA A 102 18.41 18.91 14.90
C ALA A 102 17.94 20.35 14.75
N ILE A 103 16.64 20.57 14.90
CA ILE A 103 16.08 21.90 14.79
C ILE A 103 15.77 22.46 16.17
N ILE A 104 16.38 23.60 16.48
CA ILE A 104 16.18 24.24 17.78
C ILE A 104 15.12 25.33 17.58
N VAL A 105 14.01 25.21 18.29
CA VAL A 105 12.92 26.16 18.19
C VAL A 105 13.19 27.48 18.90
N GLU A 106 12.80 28.57 18.24
CA GLU A 106 12.98 29.92 18.78
C GLU A 106 12.41 30.05 20.18
N PRO A 107 13.08 30.84 21.04
CA PRO A 107 12.63 31.05 22.42
C PRO A 107 11.16 31.46 22.49
N GLU A 108 10.73 32.28 21.55
CA GLU A 108 9.35 32.76 21.49
C GLU A 108 8.34 31.64 21.33
N LYS A 109 8.70 30.58 20.62
CA LYS A 109 7.79 29.47 20.38
C LYS A 109 8.27 28.19 21.06
N ARG A 110 9.24 28.33 21.95
CA ARG A 110 9.82 27.18 22.64
C ARG A 110 8.92 26.55 23.71
N GLY A 111 8.81 25.22 23.66
CA GLY A 111 8.01 24.48 24.60
C GLY A 111 8.90 23.45 25.29
N LYS A 112 8.31 22.55 26.08
CA LYS A 112 9.09 21.56 26.80
C LYS A 112 9.32 20.21 26.10
N TYR A 113 8.64 19.96 24.99
CA TYR A 113 8.78 18.67 24.32
C TYR A 113 9.78 18.58 23.16
N VAL A 114 10.35 17.39 23.02
CA VAL A 114 11.31 17.07 21.97
C VAL A 114 10.60 16.12 21.02
N VAL A 115 10.58 16.43 19.73
CA VAL A 115 9.90 15.56 18.79
C VAL A 115 10.80 15.03 17.68
N CYS A 116 10.78 13.71 17.49
CA CYS A 116 11.56 13.06 16.46
C CYS A 116 10.55 12.50 15.48
N PHE A 117 10.69 12.84 14.20
CA PHE A 117 9.73 12.35 13.23
C PHE A 117 10.31 12.01 11.87
N ASP A 118 9.54 11.21 11.15
CA ASP A 118 9.86 10.76 9.81
C ASP A 118 8.62 11.28 9.06
N PRO A 119 8.75 12.45 8.40
CA PRO A 119 7.67 13.12 7.65
C PRO A 119 6.91 12.27 6.62
N LEU A 120 7.64 11.52 5.81
CA LEU A 120 6.99 10.69 4.81
C LEU A 120 7.79 9.41 4.62
N ASP A 121 7.52 8.45 5.50
CA ASP A 121 8.18 7.16 5.51
C ASP A 121 7.79 6.30 4.31
N GLY A 122 8.79 5.73 3.65
CA GLY A 122 8.56 4.90 2.49
C GLY A 122 8.85 5.68 1.23
N SER A 123 10.04 6.27 1.18
CA SER A 123 10.45 7.07 0.02
C SER A 123 10.36 6.32 -1.30
N SER A 124 10.83 5.07 -1.34
CA SER A 124 10.80 4.29 -2.57
C SER A 124 9.39 4.00 -3.05
N ASN A 125 8.41 4.11 -2.16
CA ASN A 125 7.02 3.84 -2.53
C ASN A 125 6.22 5.07 -2.92
N ILE A 126 6.81 6.25 -2.78
CA ILE A 126 6.10 7.47 -3.12
C ILE A 126 5.62 7.52 -4.57
N ASP A 127 6.51 7.31 -5.52
CA ASP A 127 6.15 7.39 -6.94
C ASP A 127 5.25 6.28 -7.49
N CYS A 128 5.23 5.11 -6.86
CA CYS A 128 4.37 4.04 -7.34
C CYS A 128 3.02 4.01 -6.63
N LEU A 129 2.76 5.04 -5.82
CA LEU A 129 1.51 5.20 -5.09
C LEU A 129 1.19 4.14 -4.05
N VAL A 130 2.22 3.45 -3.58
CA VAL A 130 2.02 2.44 -2.55
C VAL A 130 1.98 3.20 -1.21
N SER A 131 1.30 2.61 -0.22
CA SER A 131 1.16 3.21 1.10
C SER A 131 2.43 3.81 1.66
N ILE A 132 2.28 5.00 2.25
CA ILE A 132 3.38 5.72 2.90
C ILE A 132 2.79 6.33 4.15
N GLY A 133 3.60 6.96 4.99
CA GLY A 133 3.07 7.54 6.22
C GLY A 133 4.03 8.43 6.97
N THR A 134 3.61 8.86 8.17
CA THR A 134 4.40 9.72 9.02
C THR A 134 4.58 9.03 10.38
N ILE A 135 5.80 9.04 10.90
CA ILE A 135 6.10 8.41 12.19
C ILE A 135 6.58 9.48 13.16
N PHE A 136 6.16 9.38 14.42
CA PHE A 136 6.59 10.38 15.40
C PHE A 136 6.83 9.81 16.79
N GLY A 137 7.79 10.43 17.48
CA GLY A 137 8.13 10.04 18.84
C GLY A 137 8.25 11.31 19.66
N ILE A 138 7.67 11.33 20.85
CA ILE A 138 7.72 12.52 21.68
C ILE A 138 8.37 12.31 23.05
N TYR A 139 9.36 13.13 23.34
CA TYR A 139 10.10 13.09 24.60
C TYR A 139 9.88 14.39 25.35
N ARG A 140 10.00 14.32 26.67
CA ARG A 140 9.86 15.51 27.50
C ARG A 140 11.28 16.00 27.74
N LYS A 141 11.51 17.30 27.58
CA LYS A 141 12.82 17.88 27.78
C LYS A 141 13.33 17.51 29.16
N ASN A 142 14.47 16.83 29.21
CA ASN A 142 15.06 16.39 30.48
C ASN A 142 15.94 17.44 31.17
N SER A 143 17.14 17.65 30.65
CA SER A 143 18.08 18.61 31.22
C SER A 143 17.46 20.00 31.40
N THR A 144 18.22 20.90 32.01
CA THR A 144 17.74 22.27 32.24
C THR A 144 18.53 23.30 31.42
N ASP A 145 19.63 22.87 30.83
CA ASP A 145 20.45 23.78 30.02
C ASP A 145 19.81 24.05 28.67
N GLU A 146 20.44 24.91 27.87
CA GLU A 146 19.91 25.26 26.56
C GLU A 146 19.61 24.00 25.74
N PRO A 147 18.51 24.02 24.98
CA PRO A 147 18.12 22.89 24.15
C PRO A 147 19.11 22.61 23.02
N SER A 148 19.41 21.33 22.82
CA SER A 148 20.34 20.91 21.77
C SER A 148 19.94 19.52 21.29
N GLU A 149 20.74 18.96 20.38
CA GLU A 149 20.46 17.64 19.85
C GLU A 149 20.52 16.60 20.97
N LYS A 150 21.33 16.88 21.99
CA LYS A 150 21.48 15.99 23.13
C LYS A 150 20.13 15.64 23.77
N ASP A 151 19.20 16.58 23.71
CA ASP A 151 17.88 16.38 24.29
C ASP A 151 17.08 15.33 23.53
N ALA A 152 17.53 15.02 22.31
CA ALA A 152 16.86 14.02 21.48
C ALA A 152 17.56 12.68 21.61
N LEU A 153 18.71 12.66 22.27
CA LEU A 153 19.46 11.42 22.44
C LEU A 153 19.04 10.68 23.71
N GLN A 154 17.76 10.33 23.78
CA GLN A 154 17.23 9.60 24.93
C GLN A 154 16.77 8.22 24.49
N PRO A 155 16.89 7.23 25.39
CA PRO A 155 16.45 5.87 25.03
C PRO A 155 14.95 5.90 24.80
N GLY A 156 14.48 5.14 23.82
CA GLY A 156 13.04 5.12 23.52
C GLY A 156 12.19 4.87 24.73
N ARG A 157 12.74 4.22 25.75
CA ARG A 157 12.03 3.91 26.97
C ARG A 157 11.49 5.18 27.64
N ASN A 158 12.11 6.32 27.34
CA ASN A 158 11.69 7.60 27.92
C ASN A 158 10.55 8.29 27.16
N LEU A 159 10.09 7.67 26.09
CA LEU A 159 9.01 8.25 25.29
C LEU A 159 7.72 8.47 26.10
N VAL A 160 7.07 9.61 25.90
CA VAL A 160 5.82 9.88 26.60
C VAL A 160 4.67 9.61 25.62
N ALA A 161 4.98 9.64 24.33
CA ALA A 161 3.99 9.39 23.29
C ALA A 161 4.67 9.05 21.98
N ALA A 162 4.03 8.21 21.17
CA ALA A 162 4.57 7.83 19.88
C ALA A 162 3.48 7.23 19.02
N GLY A 163 3.70 7.27 17.71
CA GLY A 163 2.71 6.70 16.82
C GLY A 163 3.03 7.01 15.38
N TYR A 164 2.02 6.89 14.53
CA TYR A 164 2.20 7.14 13.13
C TYR A 164 0.86 7.37 12.44
N ALA A 165 0.93 7.94 11.26
CA ALA A 165 -0.25 8.20 10.44
C ALA A 165 0.04 7.41 9.18
N LEU A 166 -0.88 6.54 8.79
CA LEU A 166 -0.70 5.74 7.59
C LEU A 166 -1.61 6.29 6.51
N TYR A 167 -1.02 6.66 5.38
CA TYR A 167 -1.78 7.15 4.25
C TYR A 167 -1.92 5.93 3.33
N GLY A 168 -2.86 5.06 3.67
CA GLY A 168 -3.10 3.86 2.88
C GLY A 168 -4.40 3.97 2.10
N SER A 169 -5.16 2.87 2.00
CA SER A 169 -6.43 2.93 1.27
C SER A 169 -7.26 4.00 1.96
N ALA A 170 -7.02 4.16 3.26
CA ALA A 170 -7.68 5.17 4.07
C ALA A 170 -6.58 5.71 4.97
N THR A 171 -6.82 6.87 5.60
CA THR A 171 -5.81 7.44 6.47
C THR A 171 -6.13 7.12 7.92
N MET A 172 -5.16 6.56 8.62
CA MET A 172 -5.34 6.21 10.02
C MET A 172 -4.18 6.69 10.88
N LEU A 173 -4.51 7.18 12.08
CA LEU A 173 -3.51 7.64 13.03
C LEU A 173 -3.51 6.65 14.20
N VAL A 174 -2.33 6.13 14.53
CA VAL A 174 -2.21 5.21 15.65
C VAL A 174 -1.41 5.95 16.71
N LEU A 175 -1.98 6.11 17.88
CA LEU A 175 -1.33 6.85 18.96
C LEU A 175 -1.12 5.96 20.17
N ALA A 176 0.12 5.91 20.65
CA ALA A 176 0.47 5.12 21.80
C ALA A 176 0.97 6.03 22.90
N MET A 177 0.47 5.80 24.11
CA MET A 177 0.91 6.58 25.27
C MET A 177 1.04 5.61 26.44
N VAL A 178 1.42 6.11 27.62
CA VAL A 178 1.64 5.25 28.77
C VAL A 178 0.64 4.12 29.00
N ASN A 179 -0.66 4.38 28.85
CA ASN A 179 -1.64 3.35 29.10
C ASN A 179 -2.24 2.60 27.91
N GLY A 180 -1.59 2.64 26.76
CA GLY A 180 -2.13 1.91 25.63
C GLY A 180 -2.10 2.58 24.26
N VAL A 181 -2.42 1.77 23.26
CA VAL A 181 -2.46 2.19 21.87
C VAL A 181 -3.90 2.33 21.39
N ASN A 182 -4.18 3.41 20.68
CA ASN A 182 -5.52 3.65 20.15
C ASN A 182 -5.44 4.02 18.68
N CYS A 183 -6.39 3.51 17.89
CA CYS A 183 -6.43 3.77 16.46
C CYS A 183 -7.55 4.69 16.06
N PHE A 184 -7.22 5.74 15.32
CA PHE A 184 -8.19 6.72 14.87
C PHE A 184 -8.26 6.79 13.35
N MET A 185 -9.45 6.58 12.81
CA MET A 185 -9.63 6.63 11.37
C MET A 185 -10.00 8.07 10.96
N LEU A 186 -9.33 8.59 9.93
CA LEU A 186 -9.63 9.93 9.45
C LEU A 186 -10.85 9.91 8.53
N ASP A 187 -11.86 10.70 8.85
CA ASP A 187 -13.05 10.81 8.02
C ASP A 187 -12.78 12.09 7.24
N PRO A 188 -12.32 11.96 6.00
CA PRO A 188 -12.00 13.11 5.15
C PRO A 188 -13.17 14.04 4.82
N ALA A 189 -14.40 13.54 4.96
CA ALA A 189 -15.58 14.36 4.67
C ALA A 189 -15.71 15.51 5.68
N ILE A 190 -15.30 15.27 6.91
CA ILE A 190 -15.40 16.31 7.93
C ILE A 190 -14.04 16.65 8.57
N GLY A 191 -12.97 16.07 8.02
CA GLY A 191 -11.65 16.34 8.56
C GLY A 191 -11.62 16.07 10.04
N GLU A 192 -11.97 14.85 10.41
CA GLU A 192 -12.01 14.46 11.82
C GLU A 192 -11.53 13.02 12.01
N PHE A 193 -10.62 12.84 12.96
CA PHE A 193 -10.10 11.52 13.29
C PHE A 193 -11.06 10.88 14.27
N ILE A 194 -11.59 9.71 13.93
CA ILE A 194 -12.55 9.00 14.77
C ILE A 194 -11.97 7.77 15.43
N LEU A 195 -12.07 7.68 16.75
CA LEU A 195 -11.57 6.53 17.48
C LEU A 195 -12.34 5.30 17.01
N VAL A 196 -11.63 4.31 16.49
CA VAL A 196 -12.31 3.11 16.00
C VAL A 196 -11.83 1.83 16.67
N ASP A 197 -10.69 1.89 17.35
CA ASP A 197 -10.13 0.73 18.05
C ASP A 197 -9.37 1.20 19.29
N ARG A 198 -9.89 0.89 20.46
CA ARG A 198 -9.25 1.31 21.70
C ARG A 198 -8.43 0.22 22.39
N ASP A 199 -7.38 0.66 23.08
CA ASP A 199 -6.49 -0.25 23.83
C ASP A 199 -6.11 -1.48 23.00
N VAL A 200 -5.56 -1.24 21.82
CA VAL A 200 -5.17 -2.31 20.91
C VAL A 200 -4.11 -3.25 21.47
N LYS A 201 -4.24 -4.53 21.14
CA LYS A 201 -3.31 -5.56 21.58
C LYS A 201 -3.02 -6.46 20.39
N ILE A 202 -1.74 -6.72 20.14
CA ILE A 202 -1.33 -7.57 19.04
C ILE A 202 -1.53 -9.04 19.44
N LYS A 203 -1.79 -9.90 18.46
CA LYS A 203 -1.98 -11.31 18.82
C LYS A 203 -0.64 -11.92 19.23
N LYS A 204 -0.72 -12.90 20.12
CA LYS A 204 0.47 -13.57 20.63
C LYS A 204 1.33 -14.18 19.53
N LYS A 205 0.67 -14.67 18.48
CA LYS A 205 1.37 -15.30 17.37
C LYS A 205 0.61 -15.05 16.07
N GLY A 206 1.35 -14.70 15.02
CA GLY A 206 0.73 -14.46 13.74
C GLY A 206 1.11 -15.52 12.73
N SER A 207 0.83 -15.27 11.45
CA SER A 207 1.14 -16.21 10.39
C SER A 207 1.69 -15.50 9.15
N ILE A 208 2.31 -14.35 9.38
CA ILE A 208 2.90 -13.56 8.30
C ILE A 208 4.29 -13.08 8.72
N TYR A 209 5.26 -13.17 7.81
CA TYR A 209 6.60 -12.66 8.09
C TYR A 209 6.88 -11.61 7.04
N SER A 210 7.51 -10.51 7.46
CA SER A 210 7.77 -9.39 6.56
C SER A 210 9.24 -8.99 6.59
N ILE A 211 9.90 -9.12 5.44
CA ILE A 211 11.31 -8.78 5.34
C ILE A 211 11.69 -8.73 3.86
N ASN A 212 12.69 -7.91 3.51
CA ASN A 212 13.15 -7.81 2.13
C ASN A 212 14.14 -8.97 1.96
N GLU A 213 13.70 -10.06 1.33
CA GLU A 213 14.56 -11.21 1.16
C GLU A 213 15.66 -11.02 0.12
N GLY A 214 15.62 -9.89 -0.57
CA GLY A 214 16.63 -9.60 -1.56
C GLY A 214 18.03 -9.54 -0.94
N TYR A 215 18.11 -9.28 0.36
CA TYR A 215 19.41 -9.21 1.04
C TYR A 215 19.83 -10.55 1.61
N ALA A 216 19.15 -11.62 1.20
CA ALA A 216 19.43 -12.97 1.68
C ALA A 216 20.91 -13.33 1.74
N LYS A 217 21.65 -13.00 0.68
CA LYS A 217 23.08 -13.30 0.63
C LYS A 217 23.86 -12.66 1.77
N GLU A 218 23.25 -11.71 2.46
CA GLU A 218 23.96 -11.01 3.54
C GLU A 218 23.35 -11.15 4.93
N PHE A 219 22.33 -12.00 5.07
CA PHE A 219 21.70 -12.18 6.38
C PHE A 219 22.59 -12.99 7.33
N ASP A 220 22.49 -12.69 8.62
CA ASP A 220 23.26 -13.43 9.61
C ASP A 220 22.61 -14.81 9.68
N PRO A 221 23.30 -15.80 10.28
CA PRO A 221 22.78 -17.17 10.39
C PRO A 221 21.41 -17.34 11.07
N ALA A 222 21.12 -16.51 12.07
CA ALA A 222 19.85 -16.62 12.79
C ALA A 222 18.67 -16.22 11.91
N ILE A 223 18.81 -15.11 11.19
CA ILE A 223 17.76 -14.64 10.29
C ILE A 223 17.53 -15.71 9.24
N THR A 224 18.63 -16.22 8.68
CA THR A 224 18.56 -17.25 7.66
C THR A 224 17.78 -18.48 8.13
N GLU A 225 18.08 -18.94 9.34
CA GLU A 225 17.39 -20.10 9.89
C GLU A 225 15.92 -19.82 10.13
N TYR A 226 15.63 -18.65 10.70
CA TYR A 226 14.25 -18.26 10.97
C TYR A 226 13.39 -18.27 9.71
N ILE A 227 13.89 -17.63 8.66
CA ILE A 227 13.15 -17.58 7.40
C ILE A 227 12.93 -18.97 6.83
N GLN A 228 13.91 -19.84 6.98
CA GLN A 228 13.82 -21.22 6.49
C GLN A 228 12.66 -21.91 7.22
N ARG A 229 12.52 -21.65 8.52
CA ARG A 229 11.44 -22.26 9.31
C ARG A 229 10.07 -21.75 8.87
N LYS A 230 10.00 -20.49 8.46
CA LYS A 230 8.73 -19.92 8.03
C LYS A 230 8.23 -20.58 6.75
N LYS A 231 9.17 -20.97 5.89
CA LYS A 231 8.86 -21.60 4.61
C LYS A 231 8.77 -23.11 4.70
N PHE A 232 9.68 -23.70 5.47
CA PHE A 232 9.75 -25.15 5.67
C PHE A 232 9.71 -25.42 7.17
N PRO A 233 8.52 -25.28 7.77
CA PRO A 233 8.37 -25.50 9.21
C PRO A 233 8.86 -26.90 9.58
N PRO A 234 9.81 -27.00 10.52
CA PRO A 234 10.35 -28.30 10.95
C PRO A 234 9.29 -29.27 11.47
N ASP A 235 8.25 -28.73 12.11
CA ASP A 235 7.18 -29.56 12.68
C ASP A 235 6.08 -29.83 11.65
N ASN A 236 6.34 -29.44 10.42
CA ASN A 236 5.39 -29.63 9.33
C ASN A 236 4.09 -28.83 9.43
N SER A 237 4.08 -27.78 10.23
CA SER A 237 2.89 -26.95 10.32
C SER A 237 2.77 -26.16 9.02
N ALA A 238 1.73 -25.34 8.89
CA ALA A 238 1.53 -24.55 7.69
C ALA A 238 2.55 -23.42 7.57
N PRO A 239 3.14 -23.24 6.39
CA PRO A 239 4.14 -22.18 6.19
C PRO A 239 3.50 -20.81 6.39
N TYR A 240 4.30 -19.84 6.83
CA TYR A 240 3.79 -18.49 7.04
C TYR A 240 3.60 -17.83 5.68
N GLY A 241 2.78 -16.79 5.65
CA GLY A 241 2.58 -16.06 4.41
C GLY A 241 3.62 -14.95 4.42
N ALA A 242 3.95 -14.42 3.25
CA ALA A 242 4.94 -13.35 3.18
C ALA A 242 4.31 -12.07 2.65
N ARG A 243 4.73 -10.94 3.23
CA ARG A 243 4.25 -9.62 2.83
C ARG A 243 5.34 -8.60 3.13
N TYR A 244 5.64 -7.73 2.16
CA TYR A 244 6.64 -6.68 2.37
C TYR A 244 6.24 -5.51 1.49
N VAL A 245 5.48 -4.58 2.07
CA VAL A 245 5.01 -3.42 1.34
C VAL A 245 6.18 -2.52 0.91
N GLY A 246 7.20 -2.43 1.76
CA GLY A 246 8.34 -1.59 1.42
C GLY A 246 8.35 -0.27 2.17
N SER A 247 7.27 0.01 2.89
CA SER A 247 7.15 1.21 3.71
C SER A 247 7.02 0.68 5.13
N MET A 248 7.94 1.05 6.00
CA MET A 248 7.89 0.55 7.37
C MET A 248 6.54 0.78 8.03
N VAL A 249 6.00 1.98 7.88
CA VAL A 249 4.72 2.28 8.48
C VAL A 249 3.62 1.31 8.05
N ALA A 250 3.60 0.93 6.77
CA ALA A 250 2.57 0.01 6.29
C ALA A 250 2.77 -1.41 6.80
N ASP A 251 4.01 -1.90 6.75
CA ASP A 251 4.28 -3.25 7.19
C ASP A 251 4.10 -3.40 8.69
N VAL A 252 4.47 -2.38 9.45
CA VAL A 252 4.32 -2.44 10.90
C VAL A 252 2.85 -2.37 11.29
N HIS A 253 2.06 -1.54 10.60
CA HIS A 253 0.65 -1.44 10.93
C HIS A 253 -0.05 -2.77 10.70
N ARG A 254 0.28 -3.42 9.59
CA ARG A 254 -0.32 -4.72 9.29
C ARG A 254 0.09 -5.71 10.38
N THR A 255 1.32 -5.58 10.86
CA THR A 255 1.81 -6.47 11.89
C THR A 255 1.00 -6.27 13.18
N LEU A 256 0.71 -5.02 13.48
CA LEU A 256 -0.07 -4.69 14.66
C LEU A 256 -1.49 -5.25 14.61
N VAL A 257 -2.17 -5.05 13.49
CA VAL A 257 -3.55 -5.50 13.37
C VAL A 257 -3.76 -6.96 12.96
N TYR A 258 -2.82 -7.54 12.21
CA TYR A 258 -2.95 -8.94 11.79
C TYR A 258 -2.06 -9.89 12.59
N GLY A 259 -1.02 -9.34 13.20
CA GLY A 259 -0.10 -10.16 13.95
C GLY A 259 1.03 -10.62 13.04
N GLY A 260 2.01 -11.31 13.59
CA GLY A 260 3.11 -11.77 12.76
C GLY A 260 4.40 -11.08 13.13
N ILE A 261 5.31 -10.97 12.18
CA ILE A 261 6.58 -10.36 12.48
C ILE A 261 7.16 -9.54 11.33
N PHE A 262 7.84 -8.45 11.70
CA PHE A 262 8.47 -7.55 10.74
C PHE A 262 9.97 -7.52 11.04
N MET A 263 10.80 -7.54 10.01
CA MET A 263 12.22 -7.55 10.22
C MET A 263 13.05 -6.71 9.26
N TYR A 264 14.07 -6.07 9.80
CA TYR A 264 15.01 -5.33 8.99
C TYR A 264 16.34 -5.43 9.74
N PRO A 265 17.03 -6.56 9.58
CA PRO A 265 18.32 -6.86 10.22
C PRO A 265 19.46 -6.22 9.44
N ALA A 266 20.68 -6.35 9.97
CA ALA A 266 21.85 -5.79 9.32
C ALA A 266 22.24 -6.54 8.06
N ASN A 267 22.92 -5.86 7.15
CA ASN A 267 23.41 -6.47 5.92
C ASN A 267 24.69 -5.76 5.49
N LYS A 268 25.28 -6.22 4.40
CA LYS A 268 26.52 -5.66 3.88
C LYS A 268 26.52 -4.13 3.84
N LYS A 269 25.63 -3.56 3.05
CA LYS A 269 25.55 -2.10 2.93
C LYS A 269 25.06 -1.43 4.20
N SER A 270 24.34 -2.17 5.05
CA SER A 270 23.82 -1.62 6.30
C SER A 270 24.22 -2.50 7.48
N PRO A 271 25.50 -2.42 7.90
CA PRO A 271 26.06 -3.19 9.02
C PRO A 271 25.33 -3.07 10.36
N LYS A 272 24.70 -1.92 10.60
CA LYS A 272 23.95 -1.71 11.84
C LYS A 272 22.46 -1.56 11.54
N GLY A 273 22.03 -2.18 10.44
CA GLY A 273 20.64 -2.09 10.03
C GLY A 273 20.45 -0.82 9.23
N LYS A 274 19.28 -0.66 8.61
CA LYS A 274 19.02 0.53 7.82
C LYS A 274 18.13 1.54 8.54
N LEU A 275 17.08 1.05 9.18
CA LEU A 275 16.15 1.92 9.87
C LEU A 275 16.80 2.74 11.00
N ARG A 276 16.37 3.99 11.11
CA ARG A 276 16.88 4.94 12.10
C ARG A 276 16.19 4.77 13.46
N LEU A 277 17.00 4.78 14.51
CA LEU A 277 16.53 4.61 15.88
C LEU A 277 15.54 5.65 16.44
N LEU A 278 15.83 6.92 16.25
CA LEU A 278 14.98 7.98 16.80
C LEU A 278 13.59 8.18 16.22
N TYR A 279 13.42 8.06 14.90
CA TYR A 279 12.13 8.31 14.29
C TYR A 279 11.48 7.18 13.49
N GLU A 280 12.04 5.99 13.60
CA GLU A 280 11.48 4.81 12.94
C GLU A 280 11.40 3.69 13.96
N CYS A 281 12.56 3.22 14.42
CA CYS A 281 12.62 2.12 15.39
C CYS A 281 11.97 2.39 16.74
N ASN A 282 12.38 3.43 17.44
CA ASN A 282 11.81 3.69 18.75
C ASN A 282 10.30 3.92 18.74
N PRO A 283 9.81 4.82 17.86
CA PRO A 283 8.36 5.02 17.86
C PRO A 283 7.60 3.71 17.65
N MET A 284 8.05 2.89 16.71
CA MET A 284 7.39 1.62 16.43
C MET A 284 7.57 0.59 17.54
N ALA A 285 8.73 0.62 18.20
CA ALA A 285 8.97 -0.31 19.30
C ALA A 285 8.06 0.05 20.46
N TYR A 286 7.86 1.35 20.67
CA TYR A 286 7.00 1.82 21.75
C TYR A 286 5.55 1.41 21.49
N VAL A 287 5.08 1.63 20.27
CA VAL A 287 3.72 1.24 19.92
C VAL A 287 3.59 -0.28 20.12
N MET A 288 4.56 -1.03 19.63
CA MET A 288 4.53 -2.48 19.77
C MET A 288 4.48 -2.93 21.22
N GLU A 289 5.38 -2.41 22.06
CA GLU A 289 5.38 -2.82 23.45
C GLU A 289 4.10 -2.40 24.17
N LYS A 290 3.55 -1.24 23.83
CA LYS A 290 2.32 -0.81 24.47
C LYS A 290 1.15 -1.69 24.02
N ALA A 291 1.34 -2.40 22.91
CA ALA A 291 0.31 -3.28 22.37
C ALA A 291 0.55 -4.74 22.78
N GLY A 292 1.54 -4.97 23.63
CA GLY A 292 1.82 -6.32 24.07
C GLY A 292 2.75 -7.08 23.13
N GLY A 293 3.48 -6.35 22.30
CA GLY A 293 4.40 -6.99 21.37
C GLY A 293 5.84 -6.77 21.79
N LEU A 294 6.77 -7.27 20.99
CA LEU A 294 8.19 -7.11 21.30
C LEU A 294 8.93 -6.40 20.17
N ALA A 295 10.05 -5.79 20.51
CA ALA A 295 10.86 -5.07 19.54
C ALA A 295 12.30 -5.24 20.00
N THR A 296 13.10 -5.95 19.21
CA THR A 296 14.49 -6.22 19.54
C THR A 296 15.41 -6.05 18.33
N THR A 297 16.70 -5.91 18.61
CA THR A 297 17.71 -5.81 17.56
C THR A 297 18.10 -7.26 17.29
N GLY A 298 17.68 -8.12 18.20
CA GLY A 298 17.99 -9.54 18.12
C GLY A 298 18.94 -9.86 19.28
N LYS A 299 19.41 -8.81 19.94
CA LYS A 299 20.32 -8.96 21.07
C LYS A 299 19.88 -8.13 22.27
N GLU A 300 19.17 -7.03 22.01
CA GLU A 300 18.69 -6.15 23.06
C GLU A 300 17.38 -5.46 22.70
N ALA A 301 16.66 -4.99 23.72
CA ALA A 301 15.40 -4.31 23.50
C ALA A 301 15.71 -2.98 22.83
N VAL A 302 14.96 -2.68 21.77
CA VAL A 302 15.17 -1.42 21.03
C VAL A 302 15.04 -0.19 21.92
N LEU A 303 14.02 -0.18 22.77
CA LEU A 303 13.77 0.95 23.65
C LEU A 303 14.84 1.20 24.71
N ASP A 304 15.72 0.23 24.93
CA ASP A 304 16.79 0.37 25.91
C ASP A 304 18.08 0.90 25.30
N ILE A 305 18.13 0.99 23.98
CA ILE A 305 19.35 1.49 23.35
C ILE A 305 19.55 2.98 23.67
N VAL A 306 20.78 3.33 24.06
CA VAL A 306 21.10 4.71 24.37
C VAL A 306 21.66 5.31 23.08
N PRO A 307 20.90 6.21 22.43
CA PRO A 307 21.33 6.86 21.18
C PRO A 307 22.58 7.71 21.34
N THR A 308 23.45 7.67 20.33
CA THR A 308 24.69 8.43 20.36
C THR A 308 24.72 9.41 19.19
N ASP A 309 23.79 9.25 18.25
CA ASP A 309 23.68 10.12 17.08
C ASP A 309 22.20 10.23 16.73
N ILE A 310 21.73 11.41 16.36
CA ILE A 310 20.32 11.57 16.03
C ILE A 310 19.88 10.79 14.79
N HIS A 311 20.84 10.41 13.95
CA HIS A 311 20.53 9.64 12.74
C HIS A 311 21.11 8.24 12.83
N GLN A 312 21.24 7.75 14.06
CA GLN A 312 21.79 6.42 14.31
C GLN A 312 20.84 5.38 13.75
N ARG A 313 21.40 4.32 13.19
CA ARG A 313 20.60 3.23 12.62
C ARG A 313 20.65 2.04 13.55
N ALA A 314 19.65 1.16 13.47
CA ALA A 314 19.62 -0.01 14.31
C ALA A 314 18.84 -1.15 13.67
N PRO A 315 19.30 -2.40 13.89
CA PRO A 315 18.59 -3.53 13.31
C PRO A 315 17.32 -3.62 14.13
N ILE A 316 16.24 -4.15 13.57
CA ILE A 316 15.01 -4.24 14.34
C ILE A 316 14.13 -5.39 13.91
N ILE A 317 13.58 -6.07 14.90
CA ILE A 317 12.68 -7.20 14.71
C ILE A 317 11.53 -6.88 15.66
N LEU A 318 10.30 -6.83 15.15
CA LEU A 318 9.17 -6.50 16.01
C LEU A 318 7.90 -7.25 15.61
N GLY A 319 6.94 -7.33 16.52
CA GLY A 319 5.70 -8.01 16.21
C GLY A 319 5.17 -8.88 17.33
N SER A 320 4.40 -9.89 16.96
CA SER A 320 3.81 -10.81 17.92
C SER A 320 4.89 -11.38 18.86
N PRO A 321 4.63 -11.33 20.18
CA PRO A 321 5.59 -11.83 21.18
C PRO A 321 6.18 -13.22 20.92
N GLU A 322 5.32 -14.18 20.59
CA GLU A 322 5.78 -15.53 20.33
C GLU A 322 6.65 -15.64 19.08
N ASP A 323 6.36 -14.84 18.06
CA ASP A 323 7.16 -14.88 16.84
C ASP A 323 8.52 -14.25 17.06
N VAL A 324 8.56 -13.12 17.76
CA VAL A 324 9.82 -12.44 18.03
C VAL A 324 10.66 -13.26 19.01
N THR A 325 10.00 -13.92 19.96
CA THR A 325 10.72 -14.72 20.93
C THR A 325 11.37 -15.92 20.26
N GLU A 326 10.72 -16.45 19.23
CA GLU A 326 11.30 -17.60 18.53
C GLU A 326 12.61 -17.20 17.87
N LEU A 327 12.64 -16.01 17.26
CA LEU A 327 13.84 -15.53 16.59
C LEU A 327 14.94 -15.23 17.63
N LEU A 328 14.55 -14.72 18.78
CA LEU A 328 15.52 -14.44 19.84
C LEU A 328 16.17 -15.74 20.30
N GLU A 329 15.37 -16.81 20.37
CA GLU A 329 15.87 -18.12 20.78
C GLU A 329 16.91 -18.63 19.80
N ILE A 330 16.72 -18.32 18.52
CA ILE A 330 17.66 -18.75 17.48
C ILE A 330 18.96 -17.95 17.62
N TYR A 331 18.83 -16.67 17.96
CA TYR A 331 20.01 -15.83 18.14
C TYR A 331 20.80 -16.33 19.35
N GLN A 332 20.09 -16.70 20.42
CA GLN A 332 20.73 -17.21 21.62
C GLN A 332 21.48 -18.49 21.27
N LYS A 333 20.81 -19.34 20.50
CA LYS A 333 21.38 -20.61 20.07
C LYS A 333 22.70 -20.40 19.34
N HIS A 334 22.72 -19.53 18.34
CA HIS A 334 23.93 -19.26 17.57
C HIS A 334 24.95 -18.42 18.32
N ALA A 335 24.69 -18.16 19.59
CA ALA A 335 25.60 -17.38 20.42
C ALA A 335 26.14 -18.26 21.54
N ALA A 336 25.45 -19.38 21.78
CA ALA A 336 25.84 -20.32 22.83
C ALA A 336 27.26 -20.83 22.63
N LYS A 337 27.77 -20.71 21.41
CA LYS A 337 29.12 -21.15 21.08
C LYS A 337 30.10 -19.99 21.17
N ASN B 9 -2.17 21.36 -23.36
CA ASN B 9 -3.30 21.67 -22.42
C ASN B 9 -3.53 20.53 -21.45
N ILE B 10 -4.45 20.73 -20.52
CA ILE B 10 -4.78 19.71 -19.53
C ILE B 10 -5.80 18.75 -20.12
N VAL B 11 -5.58 17.46 -19.90
CA VAL B 11 -6.49 16.45 -20.43
C VAL B 11 -7.13 15.61 -19.34
N THR B 12 -8.45 15.63 -19.27
CA THR B 12 -9.15 14.83 -18.29
C THR B 12 -9.47 13.49 -18.93
N LEU B 13 -9.80 12.49 -18.11
CA LEU B 13 -10.13 11.17 -18.64
C LEU B 13 -11.35 11.32 -19.55
N THR B 14 -12.32 12.11 -19.11
CA THR B 14 -13.54 12.34 -19.87
C THR B 14 -13.23 12.83 -21.28
N ARG B 15 -12.31 13.78 -21.41
CA ARG B 15 -11.96 14.29 -22.73
C ARG B 15 -11.15 13.28 -23.52
N PHE B 16 -10.30 12.53 -22.82
CA PHE B 16 -9.48 11.53 -23.47
C PHE B 16 -10.35 10.47 -24.12
N VAL B 17 -11.28 9.89 -23.36
CA VAL B 17 -12.15 8.85 -23.91
C VAL B 17 -13.04 9.42 -25.02
N MET B 18 -13.60 10.59 -24.78
CA MET B 18 -14.47 11.24 -25.77
C MET B 18 -13.71 11.41 -27.09
N GLU B 19 -12.49 11.93 -26.98
CA GLU B 19 -11.65 12.14 -28.15
C GLU B 19 -11.36 10.82 -28.86
N GLU B 20 -10.89 9.83 -28.10
CA GLU B 20 -10.58 8.53 -28.67
C GLU B 20 -11.80 7.92 -29.36
N GLY B 21 -12.98 8.15 -28.77
CA GLY B 21 -14.20 7.63 -29.35
C GLY B 21 -14.42 8.24 -30.72
N ARG B 22 -14.22 9.54 -30.83
CA ARG B 22 -14.41 10.24 -32.09
C ARG B 22 -13.38 9.82 -33.13
N LYS B 23 -12.16 9.54 -32.69
CA LYS B 23 -11.10 9.12 -33.61
C LYS B 23 -11.46 7.83 -34.34
N ALA B 24 -12.01 6.87 -33.60
CA ALA B 24 -12.41 5.59 -34.18
C ALA B 24 -13.87 5.64 -34.63
N ARG B 25 -14.39 6.86 -34.77
CA ARG B 25 -15.77 7.07 -35.19
C ARG B 25 -16.73 6.02 -34.62
N GLY B 26 -16.81 5.95 -33.31
CA GLY B 26 -17.71 5.00 -32.68
C GLY B 26 -19.07 5.62 -32.42
N THR B 27 -20.06 4.78 -32.17
CA THR B 27 -21.41 5.27 -31.90
C THR B 27 -21.45 5.98 -30.56
N GLY B 28 -20.42 5.78 -29.74
CA GLY B 28 -20.37 6.42 -28.44
C GLY B 28 -20.74 5.51 -27.28
N GLU B 29 -21.01 4.24 -27.58
CA GLU B 29 -21.38 3.28 -26.54
C GLU B 29 -20.17 2.99 -25.66
N MET B 30 -19.01 2.81 -26.28
CA MET B 30 -17.78 2.54 -25.54
C MET B 30 -17.43 3.75 -24.67
N THR B 31 -17.68 4.95 -25.21
CA THR B 31 -17.40 6.19 -24.49
C THR B 31 -18.24 6.26 -23.22
N GLN B 32 -19.52 5.90 -23.34
CA GLN B 32 -20.43 5.93 -22.21
C GLN B 32 -20.02 4.87 -21.19
N LEU B 33 -19.49 3.74 -21.68
CA LEU B 33 -19.06 2.66 -20.81
C LEU B 33 -17.85 3.13 -19.99
N LEU B 34 -16.90 3.77 -20.64
CA LEU B 34 -15.73 4.25 -19.93
C LEU B 34 -16.12 5.36 -18.96
N ASN B 35 -17.05 6.23 -19.36
CA ASN B 35 -17.49 7.32 -18.49
C ASN B 35 -18.12 6.74 -17.23
N SER B 36 -18.94 5.71 -17.39
CA SER B 36 -19.58 5.07 -16.25
C SER B 36 -18.55 4.42 -15.34
N LEU B 37 -17.53 3.83 -15.96
CA LEU B 37 -16.47 3.18 -15.18
C LEU B 37 -15.77 4.23 -14.33
N CYS B 38 -15.53 5.39 -14.93
CA CYS B 38 -14.89 6.50 -14.24
C CYS B 38 -15.69 6.89 -13.02
N THR B 39 -17.00 6.98 -13.18
CA THR B 39 -17.89 7.35 -12.08
C THR B 39 -17.87 6.30 -10.96
N ALA B 40 -17.91 5.03 -11.36
CA ALA B 40 -17.90 3.93 -10.39
C ALA B 40 -16.61 3.95 -9.58
N VAL B 41 -15.49 4.18 -10.25
CA VAL B 41 -14.20 4.21 -9.58
C VAL B 41 -14.09 5.37 -8.59
N LYS B 42 -14.58 6.54 -8.96
CA LYS B 42 -14.53 7.67 -8.06
C LYS B 42 -15.36 7.40 -6.82
N ALA B 43 -16.52 6.78 -7.03
CA ALA B 43 -17.43 6.45 -5.93
C ALA B 43 -16.80 5.42 -5.01
N ILE B 44 -16.10 4.44 -5.58
CA ILE B 44 -15.44 3.41 -4.79
C ILE B 44 -14.31 4.05 -3.99
N SER B 45 -13.53 4.91 -4.65
CA SER B 45 -12.43 5.57 -3.98
C SER B 45 -12.92 6.34 -2.76
N THR B 46 -14.00 7.09 -2.91
CA THR B 46 -14.53 7.85 -1.79
C THR B 46 -14.90 6.96 -0.61
N ALA B 47 -15.52 5.82 -0.88
CA ALA B 47 -15.89 4.88 0.18
C ALA B 47 -14.64 4.28 0.82
N VAL B 48 -13.70 3.88 -0.03
CA VAL B 48 -12.45 3.27 0.44
C VAL B 48 -11.71 4.21 1.37
N ARG B 49 -11.69 5.49 1.04
CA ARG B 49 -11.02 6.49 1.87
C ARG B 49 -11.81 6.78 3.15
N LYS B 50 -12.92 6.08 3.34
CA LYS B 50 -13.75 6.21 4.53
C LYS B 50 -14.51 7.52 4.76
N ALA B 51 -14.89 8.19 3.68
CA ALA B 51 -15.63 9.44 3.80
C ALA B 51 -16.99 9.10 4.44
N GLY B 52 -17.38 9.84 5.47
CA GLY B 52 -18.65 9.60 6.12
C GLY B 52 -18.66 8.51 7.19
N ILE B 53 -17.48 7.99 7.53
CA ILE B 53 -17.41 6.92 8.53
C ILE B 53 -17.90 7.40 9.89
N ALA B 54 -17.83 8.71 10.13
CA ALA B 54 -18.28 9.27 11.41
C ALA B 54 -19.74 8.91 11.68
N HIS B 55 -20.54 8.83 10.63
CA HIS B 55 -21.96 8.49 10.78
C HIS B 55 -22.16 7.07 11.30
N LEU B 56 -21.27 6.16 10.90
CA LEU B 56 -21.34 4.79 11.36
C LEU B 56 -21.02 4.71 12.85
N TYR B 57 -20.23 5.66 13.33
CA TYR B 57 -19.87 5.67 14.74
C TYR B 57 -20.75 6.59 15.58
N GLY B 58 -21.97 6.83 15.10
CA GLY B 58 -22.94 7.63 15.81
C GLY B 58 -22.79 9.13 16.00
N ILE B 59 -22.15 9.82 15.06
CA ILE B 59 -21.99 11.26 15.22
C ILE B 59 -23.35 11.95 15.24
N ALA B 60 -24.30 11.44 14.47
CA ALA B 60 -25.64 12.02 14.40
C ALA B 60 -26.63 11.21 15.24
N GLY B 61 -26.11 10.45 16.19
CA GLY B 61 -26.96 9.63 17.04
C GLY B 61 -27.32 8.34 16.33
N SER B 62 -28.25 7.59 16.90
CA SER B 62 -28.67 6.33 16.31
C SER B 62 -30.12 6.43 15.83
N THR B 63 -30.44 7.53 15.16
CA THR B 63 -31.78 7.75 14.64
C THR B 63 -31.83 7.53 13.13
N ASN B 64 -30.67 7.66 12.48
CA ASN B 64 -30.58 7.48 11.03
C ASN B 64 -30.73 6.01 10.65
N VAL B 65 -30.00 5.13 11.34
CA VAL B 65 -30.07 3.71 11.06
C VAL B 65 -31.46 3.15 11.38
N THR B 66 -31.93 2.22 10.56
CA THR B 66 -33.25 1.62 10.77
C THR B 66 -33.20 0.09 10.66
N GLY B 67 -32.12 -0.44 10.10
CA GLY B 67 -31.98 -1.87 9.95
C GLY B 67 -30.57 -2.34 10.27
N ASP B 68 -29.92 -2.98 9.30
CA ASP B 68 -28.56 -3.46 9.47
C ASP B 68 -27.70 -3.05 8.28
N GLN B 69 -27.71 -1.76 7.98
CA GLN B 69 -26.94 -1.21 6.88
C GLN B 69 -25.46 -1.08 7.22
N VAL B 70 -24.74 -2.19 7.11
CA VAL B 70 -23.31 -2.22 7.40
C VAL B 70 -22.62 -2.99 6.28
N LYS B 71 -22.71 -2.44 5.07
CA LYS B 71 -22.11 -3.07 3.90
C LYS B 71 -20.59 -3.00 3.90
N LYS B 72 -19.95 -4.15 3.77
CA LYS B 72 -18.50 -4.23 3.73
C LYS B 72 -18.05 -3.59 2.42
N LEU B 73 -16.85 -3.02 2.42
CA LEU B 73 -16.31 -2.37 1.23
C LEU B 73 -16.35 -3.20 -0.05
N ASP B 74 -16.05 -4.50 0.05
CA ASP B 74 -16.06 -5.32 -1.14
C ASP B 74 -17.46 -5.49 -1.73
N VAL B 75 -18.46 -5.63 -0.87
CA VAL B 75 -19.83 -5.78 -1.35
C VAL B 75 -20.29 -4.45 -1.97
N LEU B 76 -19.95 -3.35 -1.31
CA LEU B 76 -20.33 -2.02 -1.81
C LEU B 76 -19.68 -1.75 -3.16
N SER B 77 -18.40 -2.10 -3.29
CA SER B 77 -17.69 -1.90 -4.54
C SER B 77 -18.35 -2.68 -5.67
N ASN B 78 -18.74 -3.92 -5.37
CA ASN B 78 -19.39 -4.77 -6.36
C ASN B 78 -20.74 -4.18 -6.78
N ASP B 79 -21.52 -3.68 -5.81
CA ASP B 79 -22.82 -3.07 -6.12
C ASP B 79 -22.66 -1.82 -6.97
N LEU B 80 -21.61 -1.03 -6.68
CA LEU B 80 -21.36 0.19 -7.41
C LEU B 80 -21.02 -0.11 -8.87
N VAL B 81 -20.06 -1.01 -9.10
CA VAL B 81 -19.68 -1.33 -10.47
C VAL B 81 -20.87 -1.86 -11.27
N ILE B 82 -21.56 -2.86 -10.72
CA ILE B 82 -22.71 -3.47 -11.37
C ILE B 82 -23.80 -2.46 -11.72
N ASN B 83 -24.21 -1.67 -10.73
CA ASN B 83 -25.26 -0.67 -10.94
C ASN B 83 -24.87 0.42 -11.93
N VAL B 84 -23.64 0.90 -11.82
CA VAL B 84 -23.17 1.95 -12.71
C VAL B 84 -22.95 1.43 -14.13
N LEU B 85 -22.45 0.20 -14.26
CA LEU B 85 -22.22 -0.37 -15.59
C LEU B 85 -23.55 -0.63 -16.31
N LYS B 86 -24.54 -1.09 -15.56
CA LYS B 86 -25.86 -1.35 -16.12
C LYS B 86 -26.50 -0.05 -16.59
N SER B 87 -26.28 1.00 -15.81
CA SER B 87 -26.85 2.31 -16.12
C SER B 87 -26.18 2.94 -17.34
N SER B 88 -25.15 2.30 -17.87
CA SER B 88 -24.45 2.84 -19.03
C SER B 88 -25.15 2.43 -20.33
N PHE B 89 -26.00 1.40 -20.26
CA PHE B 89 -26.70 0.89 -21.43
C PHE B 89 -25.72 0.46 -22.51
N ALA B 90 -24.50 0.08 -22.09
CA ALA B 90 -23.47 -0.33 -23.04
C ALA B 90 -23.00 -1.76 -22.85
N THR B 91 -23.56 -2.46 -21.87
CA THR B 91 -23.14 -3.82 -21.59
C THR B 91 -24.26 -4.86 -21.70
N CYS B 92 -23.87 -6.11 -21.96
CA CYS B 92 -24.83 -7.20 -22.08
C CYS B 92 -24.52 -8.32 -21.10
N VAL B 93 -23.24 -8.49 -20.78
CA VAL B 93 -22.80 -9.53 -19.85
C VAL B 93 -21.74 -8.99 -18.88
N LEU B 94 -21.94 -9.26 -17.59
CA LEU B 94 -20.99 -8.82 -16.58
C LEU B 94 -20.46 -9.99 -15.77
N VAL B 95 -19.15 -10.05 -15.57
CA VAL B 95 -18.53 -11.11 -14.79
C VAL B 95 -17.78 -10.46 -13.64
N SER B 96 -18.17 -10.79 -12.41
CA SER B 96 -17.52 -10.23 -11.24
C SER B 96 -16.85 -11.30 -10.39
N GLU B 97 -15.70 -10.95 -9.83
CA GLU B 97 -14.96 -11.85 -8.97
C GLU B 97 -15.83 -12.27 -7.77
N GLU B 98 -16.81 -11.41 -7.44
CA GLU B 98 -17.72 -11.65 -6.32
C GLU B 98 -19.00 -12.44 -6.63
N ASP B 99 -19.26 -12.68 -7.91
CA ASP B 99 -20.47 -13.41 -8.33
C ASP B 99 -20.14 -14.77 -8.95
N LYS B 100 -20.78 -15.82 -8.45
CA LYS B 100 -20.54 -17.16 -8.99
C LYS B 100 -21.02 -17.30 -10.43
N ASN B 101 -22.07 -16.57 -10.79
CA ASN B 101 -22.60 -16.64 -12.15
C ASN B 101 -22.48 -15.30 -12.88
N ALA B 102 -22.31 -15.37 -14.20
CA ALA B 102 -22.21 -14.17 -15.02
C ALA B 102 -23.53 -13.43 -14.90
N ILE B 103 -23.48 -12.11 -14.92
CA ILE B 103 -24.69 -11.31 -14.82
C ILE B 103 -25.12 -10.88 -16.23
N ILE B 104 -26.32 -11.30 -16.63
CA ILE B 104 -26.85 -10.95 -17.95
C ILE B 104 -27.71 -9.70 -17.77
N VAL B 105 -27.34 -8.63 -18.46
CA VAL B 105 -28.08 -7.37 -18.37
C VAL B 105 -29.46 -7.46 -19.01
N GLU B 106 -30.46 -6.88 -18.35
CA GLU B 106 -31.82 -6.89 -18.85
C GLU B 106 -31.82 -6.27 -20.25
N PRO B 107 -32.70 -6.75 -21.14
CA PRO B 107 -32.81 -6.27 -22.52
C PRO B 107 -32.92 -4.75 -22.65
N GLU B 108 -33.59 -4.12 -21.70
CA GLU B 108 -33.77 -2.67 -21.71
C GLU B 108 -32.46 -1.88 -21.66
N LYS B 109 -31.54 -2.30 -20.81
CA LYS B 109 -30.26 -1.62 -20.63
C LYS B 109 -29.11 -2.34 -21.33
N ARG B 110 -29.46 -3.28 -22.20
CA ARG B 110 -28.46 -4.07 -22.91
C ARG B 110 -27.63 -3.32 -23.95
N GLY B 111 -26.32 -3.54 -23.90
CA GLY B 111 -25.40 -2.93 -24.84
C GLY B 111 -24.60 -4.05 -25.48
N LYS B 112 -23.57 -3.73 -26.25
CA LYS B 112 -22.80 -4.79 -26.88
C LYS B 112 -21.50 -5.21 -26.19
N TYR B 113 -21.17 -4.56 -25.08
CA TYR B 113 -19.94 -4.89 -24.40
C TYR B 113 -20.04 -5.87 -23.24
N VAL B 114 -18.99 -6.68 -23.10
CA VAL B 114 -18.88 -7.69 -22.03
C VAL B 114 -17.79 -7.17 -21.11
N VAL B 115 -18.10 -7.05 -19.82
CA VAL B 115 -17.14 -6.53 -18.86
C VAL B 115 -16.81 -7.52 -17.75
N CYS B 116 -15.53 -7.78 -17.56
CA CYS B 116 -15.08 -8.69 -16.51
C CYS B 116 -14.33 -7.79 -15.55
N PHE B 117 -14.65 -7.89 -14.26
CA PHE B 117 -14.00 -7.03 -13.28
C PHE B 117 -13.85 -7.65 -11.91
N ASP B 118 -12.87 -7.13 -11.19
CA ASP B 118 -12.55 -7.54 -9.84
C ASP B 118 -12.79 -6.23 -9.09
N PRO B 119 -14.00 -6.07 -8.50
CA PRO B 119 -14.40 -4.86 -7.76
C PRO B 119 -13.45 -4.31 -6.70
N LEU B 120 -12.85 -5.18 -5.91
CA LEU B 120 -11.92 -4.71 -4.89
C LEU B 120 -10.84 -5.76 -4.67
N ASP B 121 -9.83 -5.73 -5.53
CA ASP B 121 -8.70 -6.65 -5.47
C ASP B 121 -7.80 -6.39 -4.28
N GLY B 122 -7.36 -7.46 -3.63
CA GLY B 122 -6.51 -7.34 -2.46
C GLY B 122 -7.34 -7.51 -1.21
N SER B 123 -8.24 -8.49 -1.23
CA SER B 123 -9.12 -8.78 -0.10
C SER B 123 -8.40 -8.84 1.24
N SER B 124 -7.29 -9.57 1.29
CA SER B 124 -6.55 -9.71 2.54
C SER B 124 -5.95 -8.40 3.05
N ASN B 125 -5.84 -7.40 2.16
CA ASN B 125 -5.29 -6.10 2.56
C ASN B 125 -6.34 -5.05 2.91
N ILE B 126 -7.62 -5.40 2.79
CA ILE B 126 -8.67 -4.43 3.10
C ILE B 126 -8.62 -3.94 4.55
N ASP B 127 -8.62 -4.87 5.50
CA ASP B 127 -8.62 -4.49 6.91
C ASP B 127 -7.37 -3.84 7.48
N CYS B 128 -6.21 -4.03 6.84
CA CYS B 128 -4.99 -3.43 7.35
C CYS B 128 -4.65 -2.13 6.60
N LEU B 129 -5.61 -1.66 5.82
CA LEU B 129 -5.48 -0.41 5.08
C LEU B 129 -4.38 -0.33 4.03
N VAL B 130 -3.92 -1.47 3.55
CA VAL B 130 -2.89 -1.47 2.51
C VAL B 130 -3.60 -1.22 1.17
N SER B 131 -2.85 -0.74 0.18
CA SER B 131 -3.41 -0.46 -1.13
C SER B 131 -4.26 -1.58 -1.71
N ILE B 132 -5.40 -1.21 -2.28
CA ILE B 132 -6.32 -2.14 -2.92
C ILE B 132 -6.80 -1.44 -4.20
N GLY B 133 -7.57 -2.13 -5.03
CA GLY B 133 -8.02 -1.53 -6.26
C GLY B 133 -9.09 -2.29 -7.03
N THR B 134 -9.42 -1.77 -8.22
CA THR B 134 -10.44 -2.37 -9.08
C THR B 134 -9.78 -2.71 -10.42
N ILE B 135 -10.04 -3.92 -10.92
CA ILE B 135 -9.47 -4.36 -12.18
C ILE B 135 -10.61 -4.62 -13.16
N PHE B 136 -10.42 -4.28 -14.43
CA PHE B 136 -11.47 -4.49 -15.40
C PHE B 136 -10.94 -4.83 -16.79
N GLY B 137 -11.74 -5.59 -17.52
CA GLY B 137 -11.41 -5.98 -18.87
C GLY B 137 -12.69 -5.84 -19.68
N ILE B 138 -12.59 -5.33 -20.89
CA ILE B 138 -13.76 -5.13 -21.73
C ILE B 138 -13.64 -5.83 -23.08
N TYR B 139 -14.65 -6.62 -23.41
CA TYR B 139 -14.70 -7.35 -24.68
C TYR B 139 -15.96 -6.91 -25.42
N ARG B 140 -15.94 -7.06 -26.74
CA ARG B 140 -17.11 -6.73 -27.54
C ARG B 140 -17.79 -8.08 -27.79
N LYS B 141 -19.11 -8.13 -27.65
CA LYS B 141 -19.82 -9.39 -27.88
C LYS B 141 -19.65 -9.81 -29.34
N ASN B 142 -19.07 -10.99 -29.53
CA ASN B 142 -18.83 -11.52 -30.88
C ASN B 142 -19.77 -12.68 -31.18
N SER B 143 -21.04 -12.38 -31.33
CA SER B 143 -22.06 -13.38 -31.62
C SER B 143 -23.41 -12.71 -31.78
N THR B 144 -24.39 -13.46 -32.28
CA THR B 144 -25.74 -12.95 -32.48
C THR B 144 -26.72 -13.65 -31.55
N ASP B 145 -26.24 -14.70 -30.87
CA ASP B 145 -27.06 -15.45 -29.95
C ASP B 145 -27.37 -14.60 -28.73
N GLU B 146 -28.35 -15.02 -27.94
CA GLU B 146 -28.72 -14.29 -26.74
C GLU B 146 -27.48 -14.25 -25.83
N PRO B 147 -27.27 -13.11 -25.15
CA PRO B 147 -26.10 -13.00 -24.27
C PRO B 147 -26.05 -14.06 -23.17
N SER B 148 -24.89 -14.68 -23.02
CA SER B 148 -24.68 -15.70 -22.00
C SER B 148 -23.24 -15.61 -21.53
N GLU B 149 -22.87 -16.40 -20.53
CA GLU B 149 -21.51 -16.37 -20.01
C GLU B 149 -20.48 -16.71 -21.09
N LYS B 150 -20.90 -17.48 -22.09
CA LYS B 150 -20.00 -17.86 -23.18
C LYS B 150 -19.40 -16.64 -23.85
N ASP B 151 -20.13 -15.53 -23.85
CA ASP B 151 -19.64 -14.30 -24.47
C ASP B 151 -18.43 -13.73 -23.72
N ALA B 152 -18.25 -14.16 -22.46
CA ALA B 152 -17.13 -13.68 -21.67
C ALA B 152 -15.93 -14.62 -21.77
N LEU B 153 -16.13 -15.78 -22.40
CA LEU B 153 -15.06 -16.76 -22.56
C LEU B 153 -14.27 -16.50 -23.84
N GLN B 154 -13.58 -15.37 -23.87
CA GLN B 154 -12.75 -15.00 -25.01
C GLN B 154 -11.32 -14.88 -24.52
N PRO B 155 -10.34 -15.15 -25.40
CA PRO B 155 -8.96 -15.02 -24.92
C PRO B 155 -8.68 -13.53 -24.69
N GLY B 156 -7.78 -13.23 -23.77
CA GLY B 156 -7.45 -11.84 -23.49
C GLY B 156 -7.07 -11.01 -24.70
N ARG B 157 -6.52 -11.68 -25.72
CA ARG B 157 -6.11 -10.97 -26.94
C ARG B 157 -7.27 -10.26 -27.62
N ASN B 158 -8.50 -10.63 -27.27
CA ASN B 158 -9.68 -10.02 -27.86
C ASN B 158 -10.11 -8.74 -27.13
N LEU B 159 -9.48 -8.43 -26.01
CA LEU B 159 -9.84 -7.23 -25.26
C LEU B 159 -9.74 -5.97 -26.11
N VAL B 160 -10.68 -5.05 -25.92
CA VAL B 160 -10.67 -3.79 -26.63
C VAL B 160 -10.22 -2.70 -25.66
N ALA B 161 -10.27 -3.00 -24.37
CA ALA B 161 -9.84 -2.07 -23.34
C ALA B 161 -9.71 -2.80 -22.02
N ALA B 162 -8.76 -2.38 -21.20
CA ALA B 162 -8.55 -3.00 -19.91
C ALA B 162 -7.78 -2.05 -19.03
N GLY B 163 -7.83 -2.27 -17.73
CA GLY B 163 -7.10 -1.41 -16.85
C GLY B 163 -7.44 -1.65 -15.40
N TYR B 164 -7.11 -0.68 -14.57
CA TYR B 164 -7.37 -0.79 -13.15
C TYR B 164 -7.33 0.57 -12.49
N ALA B 165 -7.91 0.63 -11.30
CA ALA B 165 -7.90 1.84 -10.50
C ALA B 165 -7.21 1.40 -9.22
N LEU B 166 -6.17 2.11 -8.83
CA LEU B 166 -5.43 1.80 -7.62
C LEU B 166 -5.77 2.82 -6.55
N TYR B 167 -6.30 2.34 -5.42
CA TYR B 167 -6.64 3.21 -4.30
C TYR B 167 -5.47 3.08 -3.33
N GLY B 168 -4.38 3.78 -3.64
CA GLY B 168 -3.19 3.75 -2.79
C GLY B 168 -3.03 5.06 -2.05
N SER B 169 -1.80 5.58 -2.00
CA SER B 169 -1.60 6.84 -1.30
C SER B 169 -2.45 7.89 -2.01
N ALA B 170 -2.63 7.68 -3.32
CA ALA B 170 -3.47 8.53 -4.16
C ALA B 170 -4.22 7.56 -5.05
N THR B 171 -5.28 8.01 -5.71
CA THR B 171 -6.05 7.13 -6.58
C THR B 171 -5.69 7.38 -8.03
N MET B 172 -5.27 6.33 -8.71
CA MET B 172 -4.88 6.44 -10.11
C MET B 172 -5.60 5.42 -10.96
N LEU B 173 -6.01 5.83 -12.15
CA LEU B 173 -6.66 4.94 -13.09
C LEU B 173 -5.71 4.73 -14.27
N VAL B 174 -5.43 3.47 -14.57
CA VAL B 174 -4.57 3.13 -15.69
C VAL B 174 -5.45 2.47 -16.74
N LEU B 175 -5.45 3.04 -17.95
CA LEU B 175 -6.27 2.54 -19.03
C LEU B 175 -5.45 2.13 -20.24
N ALA B 176 -5.60 0.88 -20.66
CA ALA B 176 -4.91 0.38 -21.82
C ALA B 176 -5.91 0.15 -22.94
N MET B 177 -5.53 0.54 -24.15
CA MET B 177 -6.36 0.33 -25.32
C MET B 177 -5.43 -0.01 -26.47
N VAL B 178 -6.00 -0.36 -27.63
CA VAL B 178 -5.21 -0.76 -28.78
C VAL B 178 -3.97 0.11 -29.01
N ASN B 179 -4.12 1.41 -28.84
CA ASN B 179 -3.03 2.37 -29.06
C ASN B 179 -1.98 2.53 -27.94
N GLY B 180 -2.28 2.06 -26.73
CA GLY B 180 -1.31 2.19 -25.66
C GLY B 180 -1.89 2.29 -24.27
N VAL B 181 -1.00 2.57 -23.31
CA VAL B 181 -1.37 2.68 -21.90
C VAL B 181 -1.22 4.11 -21.42
N ASN B 182 -2.25 4.63 -20.75
CA ASN B 182 -2.20 5.99 -20.21
C ASN B 182 -2.62 6.01 -18.74
N CYS B 183 -1.94 6.83 -17.95
CA CYS B 183 -2.23 6.93 -16.52
C CYS B 183 -2.87 8.26 -16.14
N PHE B 184 -3.97 8.16 -15.38
CA PHE B 184 -4.69 9.35 -14.95
C PHE B 184 -4.76 9.39 -13.43
N MET B 185 -4.42 10.55 -12.86
CA MET B 185 -4.44 10.71 -11.42
C MET B 185 -5.77 11.34 -11.03
N LEU B 186 -6.38 10.84 -9.98
CA LEU B 186 -7.64 11.41 -9.52
C LEU B 186 -7.36 12.58 -8.61
N ASP B 187 -7.87 13.75 -8.98
CA ASP B 187 -7.74 14.95 -8.17
C ASP B 187 -9.06 14.94 -7.42
N PRO B 188 -9.06 14.45 -6.17
CA PRO B 188 -10.28 14.37 -5.34
C PRO B 188 -10.95 15.70 -5.02
N ALA B 189 -10.21 16.79 -5.18
CA ALA B 189 -10.77 18.11 -4.89
C ALA B 189 -11.87 18.47 -5.90
N ILE B 190 -11.71 18.06 -7.15
CA ILE B 190 -12.70 18.36 -8.17
C ILE B 190 -13.34 17.12 -8.81
N GLY B 191 -12.95 15.95 -8.34
CA GLY B 191 -13.51 14.72 -8.88
C GLY B 191 -13.23 14.52 -10.35
N GLU B 192 -11.97 14.69 -10.74
CA GLU B 192 -11.59 14.53 -12.12
C GLU B 192 -10.28 13.77 -12.25
N PHE B 193 -10.22 12.85 -13.22
CA PHE B 193 -9.02 12.09 -13.47
C PHE B 193 -8.20 12.91 -14.46
N ILE B 194 -6.94 13.17 -14.10
CA ILE B 194 -6.06 13.98 -14.92
C ILE B 194 -4.97 13.14 -15.56
N LEU B 195 -4.82 13.26 -16.88
CA LEU B 195 -3.79 12.52 -17.60
C LEU B 195 -2.43 13.02 -17.14
N VAL B 196 -1.64 12.14 -16.53
CA VAL B 196 -0.33 12.54 -16.04
C VAL B 196 0.81 11.73 -16.67
N ASP B 197 0.46 10.71 -17.43
CA ASP B 197 1.46 9.87 -18.08
C ASP B 197 0.92 9.27 -19.36
N ARG B 198 1.44 9.76 -20.48
CA ARG B 198 1.02 9.31 -21.81
C ARG B 198 1.86 8.18 -22.41
N ASP B 199 1.18 7.28 -23.11
CA ASP B 199 1.81 6.17 -23.80
C ASP B 199 2.93 5.52 -22.99
N VAL B 200 2.59 5.11 -21.78
CA VAL B 200 3.55 4.48 -20.87
C VAL B 200 4.23 3.23 -21.41
N LYS B 201 5.53 3.12 -21.16
CA LYS B 201 6.32 1.96 -21.57
C LYS B 201 7.12 1.50 -20.36
N ILE B 202 7.11 0.20 -20.10
CA ILE B 202 7.83 -0.35 -18.96
C ILE B 202 9.32 -0.48 -19.29
N LYS B 203 10.17 -0.39 -18.27
CA LYS B 203 11.61 -0.53 -18.49
C LYS B 203 11.90 -1.93 -19.01
N LYS B 204 12.87 -2.05 -19.89
CA LYS B 204 13.21 -3.35 -20.47
C LYS B 204 13.65 -4.35 -19.40
N LYS B 205 14.34 -3.85 -18.38
CA LYS B 205 14.84 -4.70 -17.30
C LYS B 205 14.71 -3.94 -15.98
N GLY B 206 14.26 -4.63 -14.93
CA GLY B 206 14.10 -3.97 -13.64
C GLY B 206 15.08 -4.42 -12.58
N SER B 207 14.76 -4.12 -11.33
CA SER B 207 15.62 -4.49 -10.21
C SER B 207 14.81 -4.93 -9.00
N ILE B 208 13.54 -5.26 -9.23
CA ILE B 208 12.66 -5.69 -8.14
C ILE B 208 11.89 -6.94 -8.56
N TYR B 209 11.82 -7.93 -7.67
CA TYR B 209 11.04 -9.13 -7.96
C TYR B 209 9.93 -9.18 -6.91
N SER B 210 8.75 -9.61 -7.33
CA SER B 210 7.60 -9.63 -6.44
C SER B 210 6.87 -10.97 -6.45
N ILE B 211 6.91 -11.65 -5.30
CA ILE B 211 6.28 -12.96 -5.16
C ILE B 211 6.09 -13.29 -3.68
N ASN B 212 5.11 -14.13 -3.36
CA ASN B 212 4.87 -14.55 -1.97
C ASN B 212 5.77 -15.77 -1.77
N GLU B 213 6.94 -15.56 -1.17
CA GLU B 213 7.87 -16.66 -0.95
C GLU B 213 7.43 -17.63 0.14
N GLY B 214 6.28 -17.36 0.75
CA GLY B 214 5.77 -18.25 1.78
C GLY B 214 5.42 -19.62 1.20
N TYR B 215 5.27 -19.69 -0.13
CA TYR B 215 4.94 -20.96 -0.80
C TYR B 215 6.20 -21.61 -1.38
N ALA B 216 7.37 -21.19 -0.91
CA ALA B 216 8.65 -21.71 -1.41
C ALA B 216 8.68 -23.23 -1.49
N LYS B 217 8.16 -23.89 -0.45
CA LYS B 217 8.13 -25.34 -0.37
C LYS B 217 7.34 -25.96 -1.53
N GLU B 218 6.47 -25.17 -2.15
CA GLU B 218 5.64 -25.67 -3.24
C GLU B 218 5.97 -25.18 -4.66
N PHE B 219 6.96 -24.30 -4.81
CA PHE B 219 7.32 -23.79 -6.13
C PHE B 219 7.93 -24.85 -7.04
N ASP B 220 7.71 -24.70 -8.34
CA ASP B 220 8.29 -25.63 -9.28
C ASP B 220 9.78 -25.27 -9.34
N PRO B 221 10.62 -26.14 -9.91
CA PRO B 221 12.07 -25.90 -10.01
C PRO B 221 12.51 -24.63 -10.73
N ALA B 222 11.73 -24.18 -11.70
CA ALA B 222 12.07 -22.99 -12.46
C ALA B 222 11.95 -21.73 -11.60
N ILE B 223 10.83 -21.59 -10.88
CA ILE B 223 10.60 -20.45 -10.01
C ILE B 223 11.69 -20.40 -8.94
N THR B 224 12.01 -21.56 -8.38
CA THR B 224 13.03 -21.68 -7.36
C THR B 224 14.40 -21.23 -7.86
N GLU B 225 14.80 -21.70 -9.04
CA GLU B 225 16.09 -21.31 -9.61
C GLU B 225 16.15 -19.81 -9.86
N TYR B 226 15.07 -19.25 -10.41
CA TYR B 226 15.01 -17.81 -10.70
C TYR B 226 15.16 -16.95 -9.45
N ILE B 227 14.45 -17.31 -8.39
CA ILE B 227 14.51 -16.54 -7.13
C ILE B 227 15.90 -16.59 -6.54
N GLN B 228 16.54 -17.75 -6.60
CA GLN B 228 17.88 -17.90 -6.06
C GLN B 228 18.82 -16.97 -6.84
N ARG B 229 18.59 -16.87 -8.14
CA ARG B 229 19.39 -16.02 -9.01
C ARG B 229 19.18 -14.54 -8.68
N LYS B 230 17.98 -14.18 -8.23
CA LYS B 230 17.71 -12.79 -7.87
C LYS B 230 18.43 -12.39 -6.58
N LYS B 231 18.64 -13.37 -5.71
CA LYS B 231 19.33 -13.15 -4.44
C LYS B 231 20.84 -13.37 -4.55
N PHE B 232 21.23 -14.29 -5.42
CA PHE B 232 22.65 -14.60 -5.62
C PHE B 232 22.99 -14.48 -7.11
N PRO B 233 23.03 -13.25 -7.64
CA PRO B 233 23.34 -13.03 -9.05
C PRO B 233 24.64 -13.72 -9.47
N PRO B 234 24.57 -14.63 -10.45
CA PRO B 234 25.78 -15.32 -10.90
C PRO B 234 26.85 -14.36 -11.42
N ASP B 235 26.43 -13.22 -11.96
CA ASP B 235 27.37 -12.23 -12.47
C ASP B 235 27.83 -11.32 -11.33
N ASN B 236 27.50 -11.72 -10.11
CA ASN B 236 27.88 -10.98 -8.91
C ASN B 236 27.43 -9.52 -8.88
N SER B 237 26.35 -9.21 -9.58
CA SER B 237 25.83 -7.85 -9.58
C SER B 237 24.98 -7.69 -8.32
N ALA B 238 24.42 -6.50 -8.11
CA ALA B 238 23.61 -6.27 -6.92
C ALA B 238 22.32 -7.09 -7.00
N PRO B 239 21.95 -7.75 -5.91
CA PRO B 239 20.72 -8.55 -5.92
C PRO B 239 19.48 -7.68 -6.10
N TYR B 240 18.44 -8.25 -6.67
CA TYR B 240 17.19 -7.52 -6.87
C TYR B 240 16.58 -7.28 -5.49
N GLY B 241 15.85 -6.18 -5.35
CA GLY B 241 15.18 -5.92 -4.10
C GLY B 241 13.85 -6.64 -4.17
N ALA B 242 13.25 -6.96 -3.03
CA ALA B 242 11.96 -7.65 -3.05
C ALA B 242 10.84 -6.74 -2.57
N ARG B 243 9.65 -6.97 -3.13
CA ARG B 243 8.46 -6.20 -2.78
C ARG B 243 7.22 -7.06 -3.04
N TYR B 244 6.35 -7.18 -2.06
CA TYR B 244 5.11 -7.95 -2.23
C TYR B 244 4.04 -7.33 -1.32
N VAL B 245 3.29 -6.39 -1.88
CA VAL B 245 2.25 -5.71 -1.15
C VAL B 245 1.12 -6.69 -0.77
N GLY B 246 0.84 -7.64 -1.65
CA GLY B 246 -0.21 -8.60 -1.37
C GLY B 246 -1.49 -8.31 -2.15
N SER B 247 -1.53 -7.18 -2.84
CA SER B 247 -2.67 -6.81 -3.66
C SER B 247 -2.13 -6.79 -5.09
N MET B 248 -2.67 -7.64 -5.96
CA MET B 248 -2.17 -7.69 -7.33
C MET B 248 -2.11 -6.31 -7.99
N VAL B 249 -3.18 -5.54 -7.87
CA VAL B 249 -3.22 -4.22 -8.48
C VAL B 249 -2.05 -3.34 -8.06
N ALA B 250 -1.70 -3.39 -6.77
CA ALA B 250 -0.59 -2.58 -6.26
C ALA B 250 0.78 -3.09 -6.71
N ASP B 251 1.00 -4.40 -6.65
CA ASP B 251 2.27 -4.95 -7.08
C ASP B 251 2.47 -4.82 -8.59
N VAL B 252 1.40 -4.96 -9.35
CA VAL B 252 1.50 -4.83 -10.79
C VAL B 252 1.74 -3.38 -11.22
N HIS B 253 1.09 -2.44 -10.53
CA HIS B 253 1.28 -1.04 -10.88
C HIS B 253 2.73 -0.63 -10.67
N ARG B 254 3.31 -1.06 -9.55
CA ARG B 254 4.71 -0.74 -9.24
C ARG B 254 5.59 -1.39 -10.32
N THR B 255 5.21 -2.58 -10.74
CA THR B 255 5.97 -3.30 -11.76
C THR B 255 5.99 -2.46 -13.04
N LEU B 256 4.84 -1.92 -13.39
CA LEU B 256 4.71 -1.10 -14.59
C LEU B 256 5.52 0.21 -14.52
N VAL B 257 5.46 0.91 -13.39
CA VAL B 257 6.18 2.18 -13.28
C VAL B 257 7.65 2.10 -12.90
N TYR B 258 8.06 1.04 -12.19
CA TYR B 258 9.46 0.90 -11.79
C TYR B 258 10.18 -0.20 -12.56
N GLY B 259 9.42 -1.07 -13.23
CA GLY B 259 10.02 -2.17 -13.95
C GLY B 259 10.25 -3.31 -12.97
N GLY B 260 10.67 -4.45 -13.48
CA GLY B 260 10.91 -5.58 -12.60
C GLY B 260 9.98 -6.72 -12.97
N ILE B 261 9.68 -7.59 -12.00
CA ILE B 261 8.82 -8.72 -12.32
C ILE B 261 7.86 -9.12 -11.21
N PHE B 262 6.66 -9.56 -11.60
CA PHE B 262 5.63 -9.98 -10.66
C PHE B 262 5.28 -11.43 -10.95
N MET B 263 5.20 -12.25 -9.92
CA MET B 263 4.92 -13.67 -10.11
C MET B 263 3.92 -14.27 -9.13
N TYR B 264 3.04 -15.12 -9.63
CA TYR B 264 2.12 -15.87 -8.79
C TYR B 264 1.95 -17.20 -9.50
N PRO B 265 2.90 -18.11 -9.28
CA PRO B 265 2.93 -19.45 -9.86
C PRO B 265 2.02 -20.42 -9.13
N ALA B 266 1.90 -21.63 -9.66
CA ALA B 266 1.05 -22.65 -9.04
C ALA B 266 1.69 -23.19 -7.77
N ASN B 267 0.86 -23.72 -6.88
CA ASN B 267 1.34 -24.32 -5.64
C ASN B 267 0.35 -25.41 -5.24
N LYS B 268 0.60 -26.09 -4.11
CA LYS B 268 -0.26 -27.16 -3.65
C LYS B 268 -1.74 -26.79 -3.59
N LYS B 269 -2.04 -25.70 -2.90
CA LYS B 269 -3.42 -25.24 -2.76
C LYS B 269 -3.99 -24.69 -4.07
N SER B 270 -3.12 -24.16 -4.93
CA SER B 270 -3.55 -23.60 -6.22
C SER B 270 -2.72 -24.23 -7.35
N PRO B 271 -3.02 -25.50 -7.68
CA PRO B 271 -2.32 -26.25 -8.74
C PRO B 271 -2.34 -25.60 -10.13
N LYS B 272 -3.31 -24.71 -10.35
CA LYS B 272 -3.43 -24.02 -11.64
C LYS B 272 -3.19 -22.53 -11.42
N GLY B 273 -2.53 -22.20 -10.32
CA GLY B 273 -2.29 -20.79 -10.00
C GLY B 273 -3.48 -20.29 -9.20
N LYS B 274 -3.34 -19.15 -8.55
CA LYS B 274 -4.45 -18.61 -7.76
C LYS B 274 -5.25 -17.53 -8.48
N LEU B 275 -4.55 -16.65 -9.16
CA LEU B 275 -5.19 -15.54 -9.85
C LEU B 275 -6.11 -15.97 -10.99
N ARG B 276 -7.22 -15.25 -11.12
CA ARG B 276 -8.24 -15.53 -12.12
C ARG B 276 -7.94 -14.87 -13.47
N LEU B 277 -8.07 -15.67 -14.53
CA LEU B 277 -7.80 -15.24 -15.89
C LEU B 277 -8.62 -14.07 -16.43
N LEU B 278 -9.94 -14.14 -16.32
CA LEU B 278 -10.80 -13.08 -16.85
C LEU B 278 -10.70 -11.68 -16.25
N TYR B 279 -10.59 -11.57 -14.93
CA TYR B 279 -10.56 -10.25 -14.31
C TYR B 279 -9.33 -9.87 -13.49
N GLU B 280 -8.31 -10.69 -13.56
CA GLU B 280 -7.05 -10.41 -12.87
C GLU B 280 -5.90 -10.56 -13.87
N CYS B 281 -5.67 -11.78 -14.35
CA CYS B 281 -4.58 -12.03 -15.30
C CYS B 281 -4.70 -11.34 -16.65
N ASN B 282 -5.82 -11.54 -17.34
CA ASN B 282 -5.99 -10.93 -18.67
C ASN B 282 -5.87 -9.40 -18.67
N PRO B 283 -6.62 -8.70 -17.81
CA PRO B 283 -6.50 -7.24 -17.82
C PRO B 283 -5.05 -6.77 -17.61
N MET B 284 -4.36 -7.36 -16.63
CA MET B 284 -2.98 -6.99 -16.33
C MET B 284 -2.00 -7.38 -17.43
N ALA B 285 -2.29 -8.49 -18.13
CA ALA B 285 -1.45 -8.96 -19.21
C ALA B 285 -1.58 -8.02 -20.41
N TYR B 286 -2.80 -7.55 -20.65
CA TYR B 286 -3.09 -6.64 -21.75
C TYR B 286 -2.38 -5.30 -21.47
N VAL B 287 -2.49 -4.81 -20.24
CA VAL B 287 -1.82 -3.57 -19.87
C VAL B 287 -0.32 -3.74 -20.05
N MET B 288 0.21 -4.87 -19.59
CA MET B 288 1.64 -5.14 -19.70
C MET B 288 2.11 -5.18 -21.14
N GLU B 289 1.41 -5.91 -21.99
CA GLU B 289 1.84 -6.00 -23.38
C GLU B 289 1.71 -4.66 -24.10
N LYS B 290 0.64 -3.92 -23.83
CA LYS B 290 0.49 -2.61 -24.47
C LYS B 290 1.58 -1.66 -24.01
N ALA B 291 2.22 -1.97 -22.88
CA ALA B 291 3.29 -1.15 -22.34
C ALA B 291 4.66 -1.70 -22.72
N GLY B 292 4.68 -2.74 -23.54
CA GLY B 292 5.94 -3.32 -23.97
C GLY B 292 6.49 -4.37 -23.02
N GLY B 293 5.62 -4.89 -22.16
CA GLY B 293 6.03 -5.91 -21.22
C GLY B 293 5.54 -7.28 -21.64
N LEU B 294 5.85 -8.30 -20.85
CA LEU B 294 5.43 -9.67 -21.15
C LEU B 294 4.56 -10.24 -20.03
N ALA B 295 3.73 -11.22 -20.39
CA ALA B 295 2.83 -11.87 -19.45
C ALA B 295 2.72 -13.32 -19.88
N THR B 296 3.25 -14.22 -19.08
CA THR B 296 3.25 -15.65 -19.41
C THR B 296 2.89 -16.51 -18.19
N THR B 297 2.42 -17.73 -18.45
CA THR B 297 2.09 -18.66 -17.36
C THR B 297 3.40 -19.37 -17.05
N GLY B 298 4.36 -19.19 -17.95
CA GLY B 298 5.64 -19.83 -17.83
C GLY B 298 5.77 -20.75 -19.03
N LYS B 299 4.62 -21.14 -19.59
CA LYS B 299 4.60 -22.04 -20.74
C LYS B 299 3.84 -21.47 -21.95
N GLU B 300 3.06 -20.43 -21.73
CA GLU B 300 2.31 -19.82 -22.84
C GLU B 300 1.88 -18.40 -22.48
N ALA B 301 1.52 -17.63 -23.50
CA ALA B 301 1.08 -16.26 -23.30
C ALA B 301 -0.30 -16.25 -22.67
N VAL B 302 -0.44 -15.50 -21.59
CA VAL B 302 -1.69 -15.38 -20.87
C VAL B 302 -2.83 -14.95 -21.80
N LEU B 303 -2.56 -13.96 -22.65
CA LEU B 303 -3.58 -13.45 -23.55
C LEU B 303 -4.05 -14.43 -24.62
N ASP B 304 -3.32 -15.53 -24.79
CA ASP B 304 -3.68 -16.53 -25.80
C ASP B 304 -4.53 -17.67 -25.25
N ILE B 305 -4.67 -17.73 -23.93
CA ILE B 305 -5.46 -18.79 -23.31
C ILE B 305 -6.95 -18.59 -23.57
N VAL B 306 -7.59 -19.63 -24.09
CA VAL B 306 -9.03 -19.58 -24.35
C VAL B 306 -9.67 -20.21 -23.12
N PRO B 307 -10.32 -19.38 -22.29
CA PRO B 307 -10.96 -19.88 -21.07
C PRO B 307 -12.19 -20.73 -21.31
N THR B 308 -12.48 -21.61 -20.35
CA THR B 308 -13.64 -22.50 -20.42
C THR B 308 -14.51 -22.33 -19.18
N ASP B 309 -14.03 -21.52 -18.24
CA ASP B 309 -14.72 -21.22 -16.99
C ASP B 309 -14.49 -19.75 -16.68
N ILE B 310 -15.55 -19.00 -16.39
CA ILE B 310 -15.42 -17.57 -16.11
C ILE B 310 -14.55 -17.29 -14.88
N HIS B 311 -14.43 -18.28 -14.01
CA HIS B 311 -13.61 -18.13 -12.81
C HIS B 311 -12.35 -18.97 -12.90
N GLN B 312 -11.94 -19.27 -14.13
CA GLN B 312 -10.75 -20.05 -14.40
C GLN B 312 -9.54 -19.35 -13.79
N ARG B 313 -8.62 -20.13 -13.23
CA ARG B 313 -7.40 -19.59 -12.64
C ARG B 313 -6.22 -19.91 -13.54
N ALA B 314 -5.13 -19.16 -13.37
CA ALA B 314 -3.94 -19.39 -14.17
C ALA B 314 -2.68 -18.86 -13.49
N PRO B 315 -1.55 -19.54 -13.71
CA PRO B 315 -0.31 -19.08 -13.10
C PRO B 315 0.05 -17.84 -13.90
N ILE B 316 0.75 -16.88 -13.31
CA ILE B 316 1.13 -15.71 -14.08
C ILE B 316 2.47 -15.11 -13.69
N ILE B 317 3.18 -14.68 -14.72
CA ILE B 317 4.49 -14.05 -14.59
C ILE B 317 4.39 -12.85 -15.53
N LEU B 318 4.67 -11.65 -15.03
CA LEU B 318 4.58 -10.47 -15.88
C LEU B 318 5.58 -9.39 -15.46
N GLY B 319 5.86 -8.47 -16.38
CA GLY B 319 6.79 -7.41 -16.07
C GLY B 319 7.75 -7.08 -17.20
N SER B 320 8.90 -6.50 -16.85
CA SER B 320 9.90 -6.12 -17.85
C SER B 320 10.29 -7.32 -18.72
N PRO B 321 10.34 -7.13 -20.05
CA PRO B 321 10.68 -8.16 -21.04
C PRO B 321 11.88 -9.03 -20.69
N GLU B 322 13.01 -8.38 -20.44
CA GLU B 322 14.24 -9.10 -20.12
C GLU B 322 14.14 -9.98 -18.89
N ASP B 323 13.43 -9.50 -17.88
CA ASP B 323 13.25 -10.26 -16.65
C ASP B 323 12.35 -11.48 -16.89
N VAL B 324 11.20 -11.25 -17.51
CA VAL B 324 10.28 -12.33 -17.79
C VAL B 324 10.94 -13.35 -18.71
N THR B 325 11.63 -12.86 -19.74
CA THR B 325 12.32 -13.73 -20.69
C THR B 325 13.35 -14.60 -19.99
N GLU B 326 14.04 -14.04 -19.01
CA GLU B 326 15.04 -14.79 -18.28
C GLU B 326 14.39 -15.98 -17.57
N LEU B 327 13.21 -15.76 -17.01
CA LEU B 327 12.50 -16.83 -16.32
C LEU B 327 11.99 -17.86 -17.33
N LEU B 328 11.49 -17.37 -18.47
CA LEU B 328 11.00 -18.27 -19.51
C LEU B 328 12.12 -19.18 -20.01
N GLU B 329 13.33 -18.65 -20.09
CA GLU B 329 14.47 -19.45 -20.54
C GLU B 329 14.76 -20.58 -19.56
N ILE B 330 14.52 -20.32 -18.27
CA ILE B 330 14.72 -21.35 -17.26
C ILE B 330 13.66 -22.43 -17.47
N TYR B 331 12.43 -22.03 -17.74
CA TYR B 331 11.36 -22.99 -17.98
C TYR B 331 11.71 -23.85 -19.21
N GLN B 332 12.03 -23.18 -20.30
CA GLN B 332 12.39 -23.86 -21.55
C GLN B 332 13.57 -24.79 -21.33
N LYS B 333 14.49 -24.40 -20.45
CA LYS B 333 15.67 -25.22 -20.17
C LYS B 333 15.29 -26.54 -19.54
N HIS B 334 14.45 -26.48 -18.51
CA HIS B 334 14.02 -27.69 -17.82
C HIS B 334 13.20 -28.60 -18.73
N ALA B 335 12.36 -28.01 -19.59
CA ALA B 335 11.54 -28.80 -20.50
C ALA B 335 12.37 -29.42 -21.62
N ALA B 336 13.65 -29.03 -21.70
CA ALA B 336 14.54 -29.55 -22.73
C ALA B 336 15.48 -30.61 -22.19
N LYS B 337 15.40 -30.90 -20.90
CA LYS B 337 16.26 -31.90 -20.27
C LYS B 337 15.69 -33.31 -20.47
P1 FDP C . 12.79 4.19 2.30
O1P FDP C . 14.27 3.91 2.45
O2P FDP C . 12.39 5.57 2.81
O3P FDP C . 12.29 3.92 0.90
O1 FDP C . 12.35 4.99 5.35
C1 FDP C . 13.22 3.88 5.17
C2 FDP C . 12.51 2.72 4.49
O2 FDP C . 11.95 3.12 3.21
C3 FDP C . 11.40 2.11 5.33
O3 FDP C . 10.18 2.83 5.15
C4 FDP C . 11.32 0.68 4.81
O4 FDP C . 10.97 -0.22 5.86
C5 FDP C . 12.73 0.41 4.31
O5 FDP C . 13.43 1.68 4.28
C6 FDP C . 12.77 -0.20 2.92
O6 FDP C . 14.14 -0.45 2.58
P2 FDP C . 14.53 -1.57 1.46
O4P FDP C . 14.29 -0.93 0.10
O5P FDP C . 15.99 -1.90 1.73
O6P FDP C . 13.59 -2.75 1.71
ZN ZN D . 11.29 6.07 7.09
P PO4 E . 1.73 19.15 29.93
O1 PO4 E . 0.42 19.57 29.37
O2 PO4 E . 1.65 17.74 30.38
O3 PO4 E . 2.77 19.29 28.87
O4 PO4 E . 2.08 20.03 31.08
P1 FDP F . -6.80 -11.65 -2.30
O1P FDP F . -6.93 -13.16 -2.49
O2P FDP F . -6.46 -11.28 -0.86
O3P FDP F . -8.01 -10.89 -2.81
O1 FDP F . -7.49 -11.13 -5.28
C1 FDP F . -6.56 -12.20 -5.14
C2 FDP F . -5.28 -11.74 -4.46
O2 FDP F . -5.52 -11.12 -3.17
C3 FDP F . -4.45 -10.74 -5.28
O3 FDP F . -4.92 -9.42 -5.09
C4 FDP F . -3.05 -10.94 -4.71
O4 FDP F . -2.05 -10.68 -5.70
C5 FDP F . -3.04 -12.41 -4.30
O5 FDP F . -4.43 -12.85 -4.31
C6 FDP F . -2.47 -12.60 -2.91
O6 FDP F . -2.58 -13.98 -2.56
P2 FDP F . -1.62 -14.60 -1.40
O4P FDP F . -2.20 -14.14 -0.09
O5P FDP F . -1.66 -16.11 -1.61
O6P FDP F . -0.24 -14.01 -1.65
ZN ZN G . -8.35 -9.88 -7.06
P PO4 H . -18.79 2.06 -30.18
O1 PO4 H . -18.82 3.52 -29.92
O2 PO4 H . -17.50 1.70 -30.83
O3 PO4 H . -18.92 1.33 -28.90
O4 PO4 H . -19.91 1.69 -31.08
#